data_1MTX
#
_entry.id   1MTX
#
_cell.length_a   1.000
_cell.length_b   1.000
_cell.length_c   1.000
_cell.angle_alpha   90.00
_cell.angle_beta   90.00
_cell.angle_gamma   90.00
#
_symmetry.space_group_name_H-M   'P 1'
#
_entity_poly.entity_id   1
_entity_poly.type   'polypeptide(L)'
_entity_poly.pdbx_seq_one_letter_code
;TIINVKCTSPKQCLPPCKAQFGQSAGAKCMNGKCKCYPH
;
_entity_poly.pdbx_strand_id   A
#
# COMPACT_ATOMS: atom_id res chain seq x y z
N THR A 1 7.55 -1.13 -3.73
CA THR A 1 7.14 -0.74 -5.12
C THR A 1 6.02 0.28 -5.05
N ILE A 2 6.34 1.54 -5.00
CA ILE A 2 5.30 2.59 -4.94
C ILE A 2 4.23 2.29 -5.99
N ILE A 3 3.01 2.08 -5.57
CA ILE A 3 1.94 1.78 -6.53
C ILE A 3 1.07 3.01 -6.75
N ASN A 4 0.68 3.27 -7.97
CA ASN A 4 -0.18 4.45 -8.25
C ASN A 4 -1.65 4.07 -8.11
N VAL A 5 -1.96 3.17 -7.23
CA VAL A 5 -3.38 2.76 -7.04
C VAL A 5 -4.11 3.86 -6.27
N LYS A 6 -5.42 3.90 -6.36
CA LYS A 6 -6.18 4.97 -5.63
C LYS A 6 -6.49 4.49 -4.22
N CYS A 7 -6.70 5.40 -3.30
CA CYS A 7 -7.00 4.98 -1.90
C CYS A 7 -7.76 6.05 -1.15
N THR A 8 -8.43 5.64 -0.11
CA THR A 8 -9.15 6.60 0.76
C THR A 8 -8.46 6.57 2.12
N SER A 9 -7.60 5.60 2.32
CA SER A 9 -6.86 5.46 3.60
C SER A 9 -5.76 4.42 3.41
N PRO A 10 -4.59 4.70 3.93
CA PRO A 10 -3.45 3.77 3.82
C PRO A 10 -3.81 2.42 4.43
N LYS A 11 -4.87 2.36 5.20
CA LYS A 11 -5.27 1.07 5.82
C LYS A 11 -5.68 0.09 4.71
N GLN A 12 -6.41 0.57 3.74
CA GLN A 12 -6.82 -0.31 2.62
C GLN A 12 -5.64 -0.56 1.69
N CYS A 13 -4.53 0.10 1.94
CA CYS A 13 -3.34 -0.09 1.07
C CYS A 13 -2.54 -1.30 1.53
N LEU A 14 -2.65 -1.65 2.79
CA LEU A 14 -1.90 -2.80 3.32
C LEU A 14 -2.43 -4.14 2.78
N PRO A 15 -3.72 -4.32 2.79
CA PRO A 15 -4.33 -5.58 2.31
C PRO A 15 -3.87 -5.88 0.89
N PRO A 16 -4.04 -4.93 0.01
CA PRO A 16 -3.63 -5.10 -1.40
C PRO A 16 -2.10 -5.23 -1.46
N CYS A 17 -1.43 -4.39 -0.72
CA CYS A 17 0.05 -4.43 -0.69
C CYS A 17 0.52 -5.61 0.15
N LYS A 18 -0.40 -6.33 0.75
CA LYS A 18 0.00 -7.51 1.58
C LYS A 18 -0.19 -8.79 0.76
N ALA A 19 -0.83 -8.69 -0.37
CA ALA A 19 -1.04 -9.90 -1.21
C ALA A 19 0.05 -9.98 -2.28
N GLN A 20 0.83 -8.93 -2.42
CA GLN A 20 1.92 -8.94 -3.45
C GLN A 20 3.23 -9.37 -2.79
N PHE A 21 3.66 -8.67 -1.77
CA PHE A 21 4.92 -9.03 -1.09
C PHE A 21 4.63 -10.07 -0.02
N GLY A 22 3.83 -9.73 0.95
CA GLY A 22 3.49 -10.67 2.04
C GLY A 22 2.81 -9.89 3.17
N GLN A 23 2.78 -10.45 4.35
CA GLN A 23 2.14 -9.73 5.49
C GLN A 23 3.14 -8.74 6.09
N SER A 24 4.28 -8.57 5.47
CA SER A 24 5.30 -7.63 6.02
C SER A 24 5.38 -6.38 5.14
N ALA A 25 4.84 -6.45 3.95
CA ALA A 25 4.89 -5.27 3.04
C ALA A 25 4.29 -4.05 3.75
N GLY A 26 5.09 -3.06 4.04
CA GLY A 26 4.55 -1.85 4.72
C GLY A 26 4.16 -0.84 3.67
N ALA A 27 2.91 -0.44 3.63
CA ALA A 27 2.48 0.53 2.60
C ALA A 27 1.64 1.65 3.22
N LYS A 28 1.53 2.76 2.55
CA LYS A 28 0.73 3.90 3.06
C LYS A 28 0.04 4.61 1.89
N CYS A 29 -0.69 5.66 2.15
CA CYS A 29 -1.39 6.38 1.05
C CYS A 29 -1.53 7.86 1.39
N MET A 30 -1.01 8.70 0.55
CA MET A 30 -1.17 10.16 0.77
C MET A 30 -2.50 10.53 0.14
N ASN A 31 -3.53 10.63 0.95
CA ASN A 31 -4.92 10.94 0.45
C ASN A 31 -4.97 10.99 -1.08
N GLY A 32 -4.73 9.87 -1.73
CA GLY A 32 -4.76 9.86 -3.20
C GLY A 32 -4.26 8.52 -3.76
N LYS A 33 -3.18 7.98 -3.24
CA LYS A 33 -2.68 6.68 -3.79
C LYS A 33 -1.91 5.92 -2.72
N CYS A 34 -1.75 4.64 -2.89
CA CYS A 34 -1.02 3.83 -1.87
C CYS A 34 0.48 3.84 -2.16
N LYS A 35 1.24 3.19 -1.33
CA LYS A 35 2.71 3.14 -1.54
C LYS A 35 3.22 1.83 -0.95
N CYS A 36 3.90 1.04 -1.74
CA CYS A 36 4.41 -0.26 -1.22
C CYS A 36 5.90 -0.19 -0.91
N TYR A 37 6.27 -0.56 0.28
CA TYR A 37 7.69 -0.55 0.68
C TYR A 37 8.12 -1.97 1.07
N PRO A 38 8.72 -2.65 0.12
CA PRO A 38 9.20 -4.03 0.34
C PRO A 38 10.23 -4.08 1.47
N HIS A 39 10.15 -5.06 2.33
CA HIS A 39 11.13 -5.15 3.45
C HIS A 39 11.24 -6.60 3.91
N THR A 1 4.40 8.06 -6.29
CA THR A 1 3.68 6.93 -5.64
C THR A 1 4.34 5.61 -6.06
N ILE A 2 3.98 4.52 -5.42
CA ILE A 2 4.58 3.21 -5.78
C ILE A 2 3.55 2.37 -6.53
N ILE A 3 2.41 2.12 -5.93
CA ILE A 3 1.38 1.30 -6.61
C ILE A 3 0.53 2.21 -7.54
N ASN A 4 -0.32 1.63 -8.34
CA ASN A 4 -1.15 2.45 -9.25
C ASN A 4 -2.62 2.31 -8.84
N VAL A 5 -2.94 2.63 -7.61
CA VAL A 5 -4.34 2.51 -7.14
C VAL A 5 -4.70 3.73 -6.26
N LYS A 6 -5.95 4.08 -6.21
CA LYS A 6 -6.37 5.24 -5.37
C LYS A 6 -6.66 4.76 -3.95
N CYS A 7 -6.72 5.66 -3.01
CA CYS A 7 -6.99 5.25 -1.59
C CYS A 7 -7.59 6.39 -0.79
N THR A 8 -8.26 6.05 0.26
CA THR A 8 -8.83 7.08 1.16
C THR A 8 -8.09 6.98 2.49
N SER A 9 -7.31 5.94 2.64
CA SER A 9 -6.53 5.75 3.90
C SER A 9 -5.51 4.63 3.66
N PRO A 10 -4.31 4.82 4.13
CA PRO A 10 -3.25 3.82 3.97
C PRO A 10 -3.67 2.51 4.63
N LYS A 11 -4.68 2.54 5.44
CA LYS A 11 -5.15 1.28 6.09
C LYS A 11 -5.70 0.35 5.02
N GLN A 12 -6.50 0.87 4.13
CA GLN A 12 -7.06 0.02 3.03
C GLN A 12 -5.95 -0.29 2.03
N CYS A 13 -4.79 0.27 2.23
CA CYS A 13 -3.67 0.04 1.29
C CYS A 13 -2.86 -1.18 1.72
N LEU A 14 -2.91 -1.53 2.97
CA LEU A 14 -2.14 -2.69 3.45
C LEU A 14 -2.51 -3.99 2.70
N PRO A 15 -3.79 -4.24 2.56
CA PRO A 15 -4.26 -5.47 1.88
C PRO A 15 -3.73 -5.58 0.44
N PRO A 16 -4.00 -4.58 -0.36
CA PRO A 16 -3.55 -4.57 -1.78
C PRO A 16 -2.02 -4.56 -1.85
N CYS A 17 -1.39 -3.66 -1.16
CA CYS A 17 0.09 -3.57 -1.19
C CYS A 17 0.68 -4.80 -0.49
N LYS A 18 -0.11 -5.51 0.27
CA LYS A 18 0.39 -6.72 0.97
C LYS A 18 0.42 -7.91 -0.01
N ALA A 19 -0.19 -7.75 -1.15
CA ALA A 19 -0.21 -8.86 -2.14
C ALA A 19 1.03 -8.80 -3.02
N GLN A 20 2.14 -8.36 -2.48
CA GLN A 20 3.39 -8.28 -3.29
C GLN A 20 4.54 -8.91 -2.50
N PHE A 21 4.86 -8.38 -1.35
CA PHE A 21 5.98 -8.96 -0.55
C PHE A 21 5.42 -10.11 0.29
N GLY A 22 4.55 -9.78 1.20
CA GLY A 22 3.94 -10.81 2.09
C GLY A 22 3.01 -10.10 3.07
N GLN A 23 2.54 -10.77 4.08
CA GLN A 23 1.64 -10.09 5.05
C GLN A 23 2.44 -9.08 5.87
N SER A 24 3.73 -9.11 5.76
CA SER A 24 4.58 -8.14 6.51
C SER A 24 4.79 -6.89 5.65
N ALA A 25 4.38 -6.93 4.42
CA ALA A 25 4.57 -5.74 3.53
C ALA A 25 3.94 -4.51 4.18
N GLY A 26 4.73 -3.48 4.38
CA GLY A 26 4.18 -2.23 4.99
C GLY A 26 3.89 -1.24 3.87
N ALA A 27 2.67 -0.82 3.74
CA ALA A 27 2.33 0.14 2.65
C ALA A 27 1.58 1.34 3.23
N LYS A 28 1.61 2.45 2.54
CA LYS A 28 0.89 3.66 3.05
C LYS A 28 0.20 4.37 1.88
N CYS A 29 -0.44 5.49 2.14
CA CYS A 29 -1.12 6.21 1.05
C CYS A 29 -1.15 7.71 1.33
N MET A 30 -0.62 8.48 0.43
CA MET A 30 -0.68 9.95 0.59
C MET A 30 -2.01 10.38 0.01
N ASN A 31 -3.00 10.57 0.86
CA ASN A 31 -4.39 10.95 0.42
C ASN A 31 -4.50 10.95 -1.12
N GLY A 32 -4.37 9.79 -1.73
CA GLY A 32 -4.47 9.73 -3.22
C GLY A 32 -4.08 8.35 -3.74
N LYS A 33 -3.02 7.75 -3.25
CA LYS A 33 -2.63 6.40 -3.76
C LYS A 33 -1.85 5.64 -2.69
N CYS A 34 -1.79 4.35 -2.81
CA CYS A 34 -1.07 3.53 -1.78
C CYS A 34 0.40 3.42 -2.15
N LYS A 35 1.17 2.77 -1.32
CA LYS A 35 2.63 2.61 -1.60
C LYS A 35 3.13 1.31 -1.00
N CYS A 36 3.86 0.54 -1.75
CA CYS A 36 4.38 -0.75 -1.21
C CYS A 36 5.81 -0.57 -0.72
N TYR A 37 6.04 -0.80 0.55
CA TYR A 37 7.41 -0.67 1.11
C TYR A 37 7.84 -2.01 1.71
N PRO A 38 8.60 -2.77 0.95
CA PRO A 38 9.10 -4.08 1.39
C PRO A 38 9.99 -3.92 2.63
N HIS A 39 9.89 -4.82 3.57
CA HIS A 39 10.72 -4.71 4.79
C HIS A 39 10.90 -6.10 5.41
N THR A 1 5.57 7.41 -8.30
CA THR A 1 4.87 6.68 -7.20
C THR A 1 5.31 5.20 -7.22
N ILE A 2 5.13 4.52 -6.13
CA ILE A 2 5.52 3.08 -6.08
C ILE A 2 4.35 2.21 -6.55
N ILE A 3 3.18 2.43 -6.01
CA ILE A 3 2.01 1.62 -6.43
C ILE A 3 1.11 2.47 -7.34
N ASN A 4 0.37 1.85 -8.20
CA ASN A 4 -0.54 2.62 -9.10
C ASN A 4 -1.99 2.35 -8.69
N VAL A 5 -2.46 3.00 -7.66
CA VAL A 5 -3.86 2.79 -7.22
C VAL A 5 -4.33 3.97 -6.38
N LYS A 6 -5.61 4.24 -6.37
CA LYS A 6 -6.13 5.38 -5.56
C LYS A 6 -6.51 4.87 -4.17
N CYS A 7 -6.66 5.74 -3.22
CA CYS A 7 -7.00 5.28 -1.84
C CYS A 7 -7.68 6.38 -1.04
N THR A 8 -8.39 5.98 -0.02
CA THR A 8 -9.03 6.96 0.88
C THR A 8 -8.35 6.83 2.24
N SER A 9 -7.56 5.79 2.40
CA SER A 9 -6.84 5.57 3.68
C SER A 9 -5.79 4.48 3.46
N PRO A 10 -4.63 4.66 4.02
CA PRO A 10 -3.54 3.67 3.88
C PRO A 10 -3.98 2.33 4.43
N LYS A 11 -5.06 2.30 5.16
CA LYS A 11 -5.55 1.01 5.72
C LYS A 11 -5.95 0.09 4.57
N GLN A 12 -6.66 0.61 3.60
CA GLN A 12 -7.07 -0.23 2.44
C GLN A 12 -5.86 -0.46 1.53
N CYS A 13 -4.75 0.16 1.84
CA CYS A 13 -3.53 -0.01 1.01
C CYS A 13 -2.71 -1.20 1.49
N LEU A 14 -2.81 -1.52 2.75
CA LEU A 14 -2.05 -2.65 3.31
C LEU A 14 -2.52 -4.00 2.75
N PRO A 15 -3.82 -4.21 2.70
CA PRO A 15 -4.37 -5.48 2.20
C PRO A 15 -3.86 -5.78 0.79
N PRO A 16 -4.01 -4.84 -0.11
CA PRO A 16 -3.55 -5.00 -1.49
C PRO A 16 -2.02 -5.11 -1.50
N CYS A 17 -1.38 -4.26 -0.75
CA CYS A 17 0.11 -4.28 -0.69
C CYS A 17 0.58 -5.50 0.12
N LYS A 18 -0.32 -6.19 0.75
CA LYS A 18 0.08 -7.37 1.57
C LYS A 18 -0.07 -8.64 0.73
N ALA A 19 -0.68 -8.53 -0.42
CA ALA A 19 -0.85 -9.72 -1.29
C ALA A 19 0.26 -9.77 -2.34
N GLN A 20 1.03 -8.71 -2.43
CA GLN A 20 2.14 -8.67 -3.43
C GLN A 20 3.43 -9.16 -2.78
N PHE A 21 3.86 -8.51 -1.73
CA PHE A 21 5.11 -8.94 -1.04
C PHE A 21 4.77 -10.03 -0.03
N GLY A 22 3.95 -9.71 0.93
CA GLY A 22 3.56 -10.71 1.96
C GLY A 22 2.83 -9.98 3.10
N GLN A 23 2.75 -10.58 4.25
CA GLN A 23 2.04 -9.90 5.38
C GLN A 23 3.02 -8.97 6.09
N SER A 24 4.18 -8.75 5.53
CA SER A 24 5.18 -7.85 6.17
C SER A 24 5.34 -6.58 5.34
N ALA A 25 4.89 -6.59 4.11
CA ALA A 25 5.02 -5.37 3.27
C ALA A 25 4.40 -4.17 3.97
N GLY A 26 5.15 -3.12 4.18
CA GLY A 26 4.60 -1.92 4.86
C GLY A 26 4.18 -0.91 3.79
N ALA A 27 2.91 -0.61 3.71
CA ALA A 27 2.44 0.35 2.68
C ALA A 27 1.65 1.49 3.33
N LYS A 28 1.43 2.55 2.61
CA LYS A 28 0.67 3.71 3.16
C LYS A 28 0.02 4.49 2.01
N CYS A 29 -0.70 5.54 2.31
CA CYS A 29 -1.36 6.31 1.25
C CYS A 29 -1.50 7.79 1.64
N MET A 30 -1.00 8.65 0.83
CA MET A 30 -1.15 10.10 1.10
C MET A 30 -2.46 10.51 0.44
N ASN A 31 -3.52 10.60 1.20
CA ASN A 31 -4.88 10.93 0.66
C ASN A 31 -4.86 11.04 -0.86
N GLY A 32 -4.64 9.93 -1.54
CA GLY A 32 -4.60 9.98 -3.02
C GLY A 32 -4.12 8.64 -3.61
N LYS A 33 -3.06 8.05 -3.09
CA LYS A 33 -2.59 6.76 -3.65
C LYS A 33 -1.83 5.99 -2.58
N CYS A 34 -1.69 4.70 -2.75
CA CYS A 34 -0.98 3.89 -1.72
C CYS A 34 0.52 3.87 -2.00
N LYS A 35 1.25 3.17 -1.18
CA LYS A 35 2.73 3.09 -1.37
C LYS A 35 3.20 1.75 -0.84
N CYS A 36 4.05 1.07 -1.55
CA CYS A 36 4.54 -0.25 -1.08
C CYS A 36 6.03 -0.21 -0.78
N TYR A 37 6.39 -0.49 0.45
CA TYR A 37 7.81 -0.48 0.85
C TYR A 37 8.23 -1.92 1.19
N PRO A 38 8.86 -2.57 0.25
CA PRO A 38 9.32 -3.95 0.43
C PRO A 38 10.31 -4.05 1.60
N HIS A 39 10.23 -5.10 2.38
CA HIS A 39 11.16 -5.25 3.53
C HIS A 39 11.87 -6.60 3.44
N THR A 1 5.86 7.27 -6.30
CA THR A 1 4.70 6.38 -6.52
C THR A 1 5.19 4.99 -6.96
N ILE A 2 4.85 3.96 -6.22
CA ILE A 2 5.31 2.60 -6.61
C ILE A 2 4.11 1.76 -7.06
N ILE A 3 3.00 1.86 -6.37
CA ILE A 3 1.81 1.07 -6.78
C ILE A 3 0.84 1.99 -7.55
N ASN A 4 0.02 1.42 -8.39
CA ASN A 4 -0.95 2.25 -9.17
C ASN A 4 -2.35 2.04 -8.60
N VAL A 5 -2.69 2.71 -7.54
CA VAL A 5 -4.05 2.53 -6.93
C VAL A 5 -4.39 3.75 -6.06
N LYS A 6 -5.65 4.05 -5.94
CA LYS A 6 -6.05 5.21 -5.10
C LYS A 6 -6.46 4.69 -3.71
N CYS A 7 -6.57 5.55 -2.73
CA CYS A 7 -6.94 5.09 -1.37
C CYS A 7 -7.57 6.20 -0.55
N THR A 8 -8.21 5.83 0.52
CA THR A 8 -8.81 6.83 1.42
C THR A 8 -8.04 6.78 2.75
N SER A 9 -7.20 5.78 2.89
CA SER A 9 -6.40 5.63 4.14
C SER A 9 -5.32 4.58 3.89
N PRO A 10 -4.15 4.81 4.42
CA PRO A 10 -3.02 3.87 4.25
C PRO A 10 -3.36 2.51 4.86
N LYS A 11 -4.44 2.43 5.60
CA LYS A 11 -4.83 1.14 6.21
C LYS A 11 -5.46 0.24 5.14
N GLN A 12 -6.26 0.82 4.28
CA GLN A 12 -6.91 0.01 3.21
C GLN A 12 -5.88 -0.29 2.12
N CYS A 13 -4.69 0.25 2.24
CA CYS A 13 -3.65 0.00 1.22
C CYS A 13 -2.84 -1.24 1.59
N LEU A 14 -2.87 -1.63 2.84
CA LEU A 14 -2.12 -2.81 3.27
C LEU A 14 -2.52 -4.07 2.50
N PRO A 15 -3.80 -4.30 2.32
CA PRO A 15 -4.29 -5.50 1.63
C PRO A 15 -3.70 -5.63 0.21
N PRO A 16 -3.89 -4.61 -0.60
CA PRO A 16 -3.37 -4.61 -1.98
C PRO A 16 -1.84 -4.66 -1.97
N CYS A 17 -1.23 -3.81 -1.20
CA CYS A 17 0.25 -3.78 -1.13
C CYS A 17 0.74 -5.04 -0.40
N LYS A 18 -0.14 -5.75 0.23
CA LYS A 18 0.26 -6.99 0.96
C LYS A 18 0.29 -8.17 -0.01
N ALA A 19 -0.21 -7.97 -1.20
CA ALA A 19 -0.22 -9.07 -2.21
C ALA A 19 1.08 -9.01 -3.03
N GLN A 20 1.99 -8.15 -2.65
CA GLN A 20 3.27 -8.04 -3.40
C GLN A 20 4.42 -8.66 -2.61
N PHE A 21 4.72 -8.10 -1.46
CA PHE A 21 5.84 -8.66 -0.65
C PHE A 21 5.32 -9.83 0.19
N GLY A 22 4.40 -9.55 1.08
CA GLY A 22 3.84 -10.63 1.95
C GLY A 22 2.81 -9.99 2.88
N GLN A 23 2.54 -10.62 4.00
CA GLN A 23 1.55 -10.03 4.94
C GLN A 23 2.21 -8.92 5.76
N SER A 24 3.51 -8.80 5.67
CA SER A 24 4.22 -7.75 6.44
C SER A 24 4.43 -6.52 5.55
N ALA A 25 4.21 -6.67 4.27
CA ALA A 25 4.40 -5.50 3.35
C ALA A 25 3.79 -4.25 3.97
N GLY A 26 4.59 -3.30 4.35
CA GLY A 26 4.04 -2.06 4.95
C GLY A 26 3.75 -1.06 3.84
N ALA A 27 2.51 -0.68 3.67
CA ALA A 27 2.17 0.28 2.58
C ALA A 27 1.38 1.45 3.18
N LYS A 28 1.57 2.63 2.64
CA LYS A 28 0.85 3.82 3.17
C LYS A 28 -0.04 4.44 2.10
N CYS A 29 -0.56 5.62 2.35
CA CYS A 29 -1.45 6.27 1.35
C CYS A 29 -1.33 7.80 1.47
N MET A 30 -0.99 8.46 0.40
CA MET A 30 -0.84 9.93 0.44
C MET A 30 -2.13 10.62 0.00
N ASN A 31 -2.04 11.69 -0.74
CA ASN A 31 -3.26 12.42 -1.19
C ASN A 31 -4.35 11.43 -1.56
N GLY A 32 -3.97 10.27 -2.01
CA GLY A 32 -4.98 9.25 -2.39
C GLY A 32 -4.35 8.17 -3.26
N LYS A 33 -3.29 7.55 -2.80
CA LYS A 33 -2.66 6.47 -3.59
C LYS A 33 -1.95 5.52 -2.63
N CYS A 34 -1.95 4.25 -2.92
CA CYS A 34 -1.27 3.30 -1.99
C CYS A 34 0.20 3.21 -2.35
N LYS A 35 1.01 2.77 -1.43
CA LYS A 35 2.47 2.66 -1.68
C LYS A 35 2.99 1.39 -1.05
N CYS A 36 3.71 0.60 -1.80
CA CYS A 36 4.25 -0.67 -1.23
C CYS A 36 5.67 -0.45 -0.72
N TYR A 37 5.88 -0.63 0.56
CA TYR A 37 7.23 -0.46 1.13
C TYR A 37 7.66 -1.77 1.81
N PRO A 38 8.47 -2.53 1.11
CA PRO A 38 8.96 -3.82 1.62
C PRO A 38 9.75 -3.61 2.92
N HIS A 39 9.61 -4.50 3.87
CA HIS A 39 10.35 -4.34 5.15
C HIS A 39 11.68 -5.10 5.07
N THR A 1 4.91 7.68 -5.28
CA THR A 1 3.89 6.61 -5.29
C THR A 1 4.45 5.36 -5.97
N ILE A 2 4.86 4.39 -5.20
CA ILE A 2 5.43 3.15 -5.81
C ILE A 2 4.30 2.30 -6.40
N ILE A 3 3.12 2.40 -5.85
CA ILE A 3 1.98 1.60 -6.37
C ILE A 3 1.08 2.52 -7.20
N ASN A 4 0.36 1.97 -8.13
CA ASN A 4 -0.54 2.80 -8.97
C ASN A 4 -1.99 2.50 -8.58
N VAL A 5 -2.49 3.13 -7.56
CA VAL A 5 -3.89 2.87 -7.12
C VAL A 5 -4.40 4.04 -6.29
N LYS A 6 -5.68 4.31 -6.35
CA LYS A 6 -6.24 5.43 -5.56
C LYS A 6 -6.61 4.91 -4.17
N CYS A 7 -6.72 5.78 -3.19
CA CYS A 7 -7.03 5.31 -1.82
C CYS A 7 -7.69 6.41 -0.99
N THR A 8 -8.39 6.02 0.02
CA THR A 8 -9.02 7.00 0.94
C THR A 8 -8.33 6.85 2.29
N SER A 9 -7.52 5.83 2.43
CA SER A 9 -6.80 5.59 3.71
C SER A 9 -5.74 4.51 3.47
N PRO A 10 -4.58 4.71 4.02
CA PRO A 10 -3.47 3.73 3.86
C PRO A 10 -3.90 2.38 4.41
N LYS A 11 -4.96 2.33 5.16
CA LYS A 11 -5.43 1.03 5.70
C LYS A 11 -5.81 0.10 4.55
N GLN A 12 -6.56 0.60 3.60
CA GLN A 12 -6.95 -0.23 2.44
C GLN A 12 -5.73 -0.47 1.54
N CYS A 13 -4.63 0.16 1.85
CA CYS A 13 -3.41 0.01 1.03
C CYS A 13 -2.60 -1.19 1.52
N LEU A 14 -2.68 -1.49 2.78
CA LEU A 14 -1.91 -2.62 3.34
C LEU A 14 -2.40 -3.97 2.81
N PRO A 15 -3.70 -4.17 2.79
CA PRO A 15 -4.27 -5.45 2.32
C PRO A 15 -3.79 -5.77 0.90
N PRO A 16 -3.95 -4.84 0.00
CA PRO A 16 -3.52 -5.02 -1.39
C PRO A 16 -1.99 -5.19 -1.43
N CYS A 17 -1.29 -4.33 -0.75
CA CYS A 17 0.19 -4.41 -0.72
C CYS A 17 0.61 -5.65 0.08
N LYS A 18 -0.31 -6.26 0.77
CA LYS A 18 0.03 -7.47 1.57
C LYS A 18 -0.13 -8.72 0.70
N ALA A 19 -0.69 -8.57 -0.46
CA ALA A 19 -0.87 -9.75 -1.36
C ALA A 19 0.23 -9.73 -2.43
N GLN A 20 1.16 -8.81 -2.33
CA GLN A 20 2.25 -8.74 -3.33
C GLN A 20 3.56 -9.24 -2.71
N PHE A 21 4.02 -8.57 -1.69
CA PHE A 21 5.29 -9.02 -1.04
C PHE A 21 4.97 -10.11 -0.02
N GLY A 22 4.11 -9.81 0.91
CA GLY A 22 3.73 -10.81 1.94
C GLY A 22 2.87 -10.12 3.01
N GLN A 23 2.85 -10.64 4.21
CA GLN A 23 2.04 -10.01 5.27
C GLN A 23 2.88 -8.98 6.02
N SER A 24 4.07 -8.72 5.56
CA SER A 24 4.96 -7.73 6.24
C SER A 24 5.11 -6.48 5.37
N ALA A 25 4.70 -6.55 4.14
CA ALA A 25 4.84 -5.36 3.25
C ALA A 25 4.26 -4.13 3.93
N GLY A 26 5.05 -3.10 4.11
CA GLY A 26 4.52 -1.87 4.77
C GLY A 26 4.09 -0.88 3.69
N ALA A 27 2.83 -0.59 3.62
CA ALA A 27 2.34 0.35 2.57
C ALA A 27 1.55 1.50 3.21
N LYS A 28 1.47 2.61 2.54
CA LYS A 28 0.72 3.78 3.08
C LYS A 28 0.04 4.53 1.94
N CYS A 29 -0.66 5.59 2.23
CA CYS A 29 -1.35 6.36 1.16
C CYS A 29 -1.49 7.82 1.55
N MET A 30 -0.99 8.69 0.72
CA MET A 30 -1.15 10.13 0.98
C MET A 30 -2.46 10.53 0.32
N ASN A 31 -3.53 10.61 1.11
CA ASN A 31 -4.90 10.94 0.59
C ASN A 31 -4.90 11.03 -0.95
N GLY A 32 -4.66 9.93 -1.62
CA GLY A 32 -4.64 9.96 -3.10
C GLY A 32 -4.18 8.60 -3.67
N LYS A 33 -3.12 8.03 -3.17
CA LYS A 33 -2.65 6.73 -3.72
C LYS A 33 -1.88 5.96 -2.65
N CYS A 34 -1.75 4.68 -2.81
CA CYS A 34 -1.04 3.87 -1.79
C CYS A 34 0.46 3.83 -2.10
N LYS A 35 1.20 3.13 -1.27
CA LYS A 35 2.67 3.05 -1.48
C LYS A 35 3.15 1.70 -0.93
N CYS A 36 4.06 1.07 -1.61
CA CYS A 36 4.56 -0.24 -1.12
C CYS A 36 6.05 -0.18 -0.80
N TYR A 37 6.40 -0.54 0.40
CA TYR A 37 7.82 -0.52 0.82
C TYR A 37 8.23 -1.95 1.21
N PRO A 38 8.95 -2.61 0.33
CA PRO A 38 9.40 -3.99 0.57
C PRO A 38 10.29 -4.04 1.82
N HIS A 39 9.79 -4.59 2.88
CA HIS A 39 10.61 -4.67 4.13
C HIS A 39 11.07 -6.11 4.36
N THR A 1 4.60 7.48 -7.38
CA THR A 1 4.01 6.52 -6.41
C THR A 1 4.58 5.13 -6.66
N ILE A 2 4.80 4.37 -5.63
CA ILE A 2 5.35 2.99 -5.81
C ILE A 2 4.26 2.08 -6.37
N ILE A 3 3.04 2.24 -5.92
CA ILE A 3 1.94 1.38 -6.41
C ILE A 3 1.00 2.24 -7.27
N ASN A 4 0.29 1.62 -8.17
CA ASN A 4 -0.64 2.39 -9.04
C ASN A 4 -2.08 2.11 -8.63
N VAL A 5 -2.56 2.77 -7.59
CA VAL A 5 -3.95 2.53 -7.14
C VAL A 5 -4.43 3.72 -6.29
N LYS A 6 -5.70 3.99 -6.29
CA LYS A 6 -6.23 5.13 -5.49
C LYS A 6 -6.53 4.65 -4.07
N CYS A 7 -6.66 5.54 -3.14
CA CYS A 7 -6.94 5.10 -1.73
C CYS A 7 -7.62 6.21 -0.94
N THR A 8 -8.33 5.82 0.08
CA THR A 8 -8.98 6.81 0.96
C THR A 8 -8.27 6.74 2.32
N SER A 9 -7.44 5.74 2.49
CA SER A 9 -6.69 5.57 3.77
C SER A 9 -5.60 4.51 3.56
N PRO A 10 -4.45 4.77 4.10
CA PRO A 10 -3.32 3.82 3.97
C PRO A 10 -3.70 2.47 4.58
N LYS A 11 -4.77 2.42 5.32
CA LYS A 11 -5.19 1.12 5.93
C LYS A 11 -5.67 0.18 4.80
N GLN A 12 -6.45 0.70 3.89
CA GLN A 12 -6.94 -0.15 2.77
C GLN A 12 -5.80 -0.40 1.79
N CYS A 13 -4.67 0.22 2.03
CA CYS A 13 -3.52 0.04 1.12
C CYS A 13 -2.70 -1.19 1.53
N LEU A 14 -2.82 -1.59 2.76
CA LEU A 14 -2.06 -2.74 3.25
C LEU A 14 -2.53 -4.07 2.61
N PRO A 15 -3.83 -4.27 2.54
CA PRO A 15 -4.38 -5.51 1.96
C PRO A 15 -3.85 -5.72 0.53
N PRO A 16 -4.01 -4.73 -0.31
CA PRO A 16 -3.53 -4.80 -1.70
C PRO A 16 -2.00 -4.92 -1.69
N CYS A 17 -1.37 -4.14 -0.87
CA CYS A 17 0.12 -4.16 -0.78
C CYS A 17 0.56 -5.41 -0.01
N LYS A 18 -0.36 -6.15 0.53
CA LYS A 18 0.01 -7.37 1.30
C LYS A 18 -0.17 -8.60 0.40
N ALA A 19 -0.77 -8.43 -0.75
CA ALA A 19 -0.97 -9.58 -1.67
C ALA A 19 0.14 -9.57 -2.72
N GLN A 20 1.14 -8.78 -2.53
CA GLN A 20 2.26 -8.72 -3.52
C GLN A 20 3.56 -9.19 -2.85
N PHE A 21 3.96 -8.53 -1.80
CA PHE A 21 5.21 -8.94 -1.11
C PHE A 21 4.88 -10.05 -0.11
N GLY A 22 4.06 -9.75 0.86
CA GLY A 22 3.67 -10.74 1.88
C GLY A 22 2.82 -10.05 2.94
N GLN A 23 2.71 -10.62 4.11
CA GLN A 23 1.90 -9.97 5.17
C GLN A 23 2.77 -9.01 5.96
N SER A 24 3.96 -8.75 5.50
CA SER A 24 4.86 -7.82 6.22
C SER A 24 5.06 -6.53 5.40
N ALA A 25 4.72 -6.56 4.15
CA ALA A 25 4.88 -5.34 3.31
C ALA A 25 4.27 -4.13 4.03
N GLY A 26 5.05 -3.11 4.26
CA GLY A 26 4.50 -1.90 4.94
C GLY A 26 4.17 -0.86 3.89
N ALA A 27 2.94 -0.42 3.83
CA ALA A 27 2.58 0.58 2.79
C ALA A 27 1.82 1.76 3.42
N LYS A 28 1.62 2.80 2.66
CA LYS A 28 0.89 4.00 3.18
C LYS A 28 0.18 4.71 2.02
N CYS A 29 -0.57 5.74 2.30
CA CYS A 29 -1.28 6.44 1.21
C CYS A 29 -1.48 7.91 1.54
N MET A 30 -1.03 8.77 0.68
CA MET A 30 -1.23 10.22 0.91
C MET A 30 -2.56 10.55 0.23
N ASN A 31 -3.62 10.64 1.01
CA ASN A 31 -5.00 10.91 0.47
C ASN A 31 -5.00 10.93 -1.06
N GLY A 32 -4.73 9.81 -1.69
CA GLY A 32 -4.70 9.78 -3.17
C GLY A 32 -4.16 8.45 -3.71
N LYS A 33 -3.09 7.94 -3.16
CA LYS A 33 -2.54 6.65 -3.69
C LYS A 33 -1.78 5.92 -2.58
N CYS A 34 -1.61 4.63 -2.73
CA CYS A 34 -0.88 3.86 -1.69
C CYS A 34 0.62 3.86 -1.97
N LYS A 35 1.38 3.24 -1.12
CA LYS A 35 2.85 3.20 -1.30
C LYS A 35 3.35 1.87 -0.75
N CYS A 36 4.04 1.11 -1.53
CA CYS A 36 4.54 -0.20 -1.04
C CYS A 36 6.03 -0.14 -0.72
N TYR A 37 6.37 -0.45 0.50
CA TYR A 37 7.79 -0.45 0.93
C TYR A 37 8.18 -1.87 1.35
N PRO A 38 8.84 -2.57 0.45
CA PRO A 38 9.28 -3.96 0.70
C PRO A 38 10.20 -4.01 1.92
N HIS A 39 10.35 -5.15 2.52
CA HIS A 39 11.24 -5.27 3.72
C HIS A 39 11.93 -6.63 3.70
N THR A 1 5.45 7.04 -6.27
CA THR A 1 4.28 6.13 -6.29
C THR A 1 4.73 4.71 -6.64
N ILE A 2 4.58 3.79 -5.71
CA ILE A 2 5.00 2.39 -5.98
C ILE A 2 3.79 1.58 -6.42
N ILE A 3 2.64 1.87 -5.87
CA ILE A 3 1.42 1.12 -6.26
C ILE A 3 0.56 1.99 -7.17
N ASN A 4 -0.25 1.39 -7.99
CA ASN A 4 -1.12 2.19 -8.91
C ASN A 4 -2.58 2.01 -8.48
N VAL A 5 -2.93 2.51 -7.33
CA VAL A 5 -4.34 2.37 -6.86
C VAL A 5 -4.72 3.59 -6.04
N LYS A 6 -5.99 3.93 -6.01
CA LYS A 6 -6.43 5.11 -5.23
C LYS A 6 -6.72 4.66 -3.79
N CYS A 7 -6.85 5.59 -2.88
CA CYS A 7 -7.11 5.19 -1.47
C CYS A 7 -7.80 6.29 -0.68
N THR A 8 -8.55 5.91 0.29
CA THR A 8 -9.19 6.90 1.19
C THR A 8 -8.51 6.78 2.55
N SER A 9 -7.73 5.74 2.71
CA SER A 9 -6.99 5.52 3.99
C SER A 9 -5.94 4.43 3.76
N PRO A 10 -4.76 4.64 4.26
CA PRO A 10 -3.66 3.66 4.11
C PRO A 10 -4.08 2.32 4.68
N LYS A 11 -5.13 2.29 5.47
CA LYS A 11 -5.59 1.00 6.04
C LYS A 11 -6.03 0.08 4.91
N GLN A 12 -6.75 0.62 3.96
CA GLN A 12 -7.21 -0.20 2.80
C GLN A 12 -6.04 -0.44 1.86
N CYS A 13 -4.92 0.17 2.13
CA CYS A 13 -3.74 0.00 1.23
C CYS A 13 -2.92 -1.21 1.66
N LEU A 14 -2.99 -1.60 2.90
CA LEU A 14 -2.21 -2.76 3.36
C LEU A 14 -2.52 -4.03 2.57
N PRO A 15 -3.79 -4.32 2.37
CA PRO A 15 -4.18 -5.55 1.65
C PRO A 15 -3.58 -5.60 0.23
N PRO A 16 -3.83 -4.59 -0.56
CA PRO A 16 -3.32 -4.53 -1.95
C PRO A 16 -1.79 -4.47 -1.95
N CYS A 17 -1.23 -3.56 -1.22
CA CYS A 17 0.25 -3.42 -1.17
C CYS A 17 0.87 -4.64 -0.49
N LYS A 18 0.08 -5.41 0.22
CA LYS A 18 0.62 -6.60 0.92
C LYS A 18 0.55 -7.82 0.00
N ALA A 19 -0.34 -7.81 -0.95
CA ALA A 19 -0.46 -8.98 -1.87
C ALA A 19 0.76 -9.02 -2.81
N GLN A 20 1.63 -8.05 -2.72
CA GLN A 20 2.83 -8.04 -3.61
C GLN A 20 4.01 -8.69 -2.88
N PHE A 21 4.27 -8.29 -1.67
CA PHE A 21 5.41 -8.88 -0.92
C PHE A 21 4.88 -9.99 0.00
N GLY A 22 4.07 -9.61 0.95
CA GLY A 22 3.50 -10.59 1.91
C GLY A 22 2.89 -9.81 3.07
N GLN A 23 2.45 -10.48 4.09
CA GLN A 23 1.86 -9.74 5.26
C GLN A 23 2.95 -8.93 5.96
N SER A 24 4.18 -9.10 5.56
CA SER A 24 5.29 -8.35 6.21
C SER A 24 5.53 -7.02 5.47
N ALA A 25 4.93 -6.86 4.32
CA ALA A 25 5.12 -5.60 3.56
C ALA A 25 4.26 -4.49 4.16
N GLY A 26 4.85 -3.35 4.41
CA GLY A 26 4.07 -2.22 5.00
C GLY A 26 3.77 -1.19 3.91
N ALA A 27 2.54 -0.73 3.83
CA ALA A 27 2.21 0.27 2.78
C ALA A 27 1.35 1.38 3.38
N LYS A 28 1.33 2.54 2.75
CA LYS A 28 0.51 3.67 3.30
C LYS A 28 -0.12 4.44 2.14
N CYS A 29 -0.81 5.51 2.45
CA CYS A 29 -1.46 6.32 1.39
C CYS A 29 -1.49 7.77 1.86
N MET A 30 -1.05 8.69 1.04
CA MET A 30 -1.03 10.11 1.46
C MET A 30 -1.11 11.01 0.23
N ASN A 31 -1.92 10.64 -0.71
CA ASN A 31 -2.06 11.47 -1.95
C ASN A 31 -3.06 10.77 -2.85
N GLY A 32 -4.10 10.23 -2.29
CA GLY A 32 -5.11 9.52 -3.10
C GLY A 32 -4.46 8.27 -3.69
N LYS A 33 -3.39 7.81 -3.11
CA LYS A 33 -2.73 6.58 -3.64
C LYS A 33 -1.98 5.88 -2.51
N CYS A 34 -1.84 4.59 -2.62
CA CYS A 34 -1.14 3.82 -1.56
C CYS A 34 0.37 3.78 -1.86
N LYS A 35 1.11 3.08 -1.05
CA LYS A 35 2.58 2.99 -1.27
C LYS A 35 3.10 1.67 -0.73
N CYS A 36 3.82 0.95 -1.53
CA CYS A 36 4.36 -0.37 -1.08
C CYS A 36 5.78 -0.20 -0.56
N TYR A 37 6.04 -0.61 0.65
CA TYR A 37 7.41 -0.50 1.22
C TYR A 37 7.90 -1.90 1.58
N PRO A 38 8.63 -2.50 0.69
CA PRO A 38 9.18 -3.85 0.89
C PRO A 38 10.10 -3.87 2.11
N HIS A 39 9.92 -4.83 2.99
CA HIS A 39 10.78 -4.89 4.20
C HIS A 39 10.99 -6.36 4.59
N THR A 1 4.10 8.04 -7.56
CA THR A 1 3.69 7.19 -6.41
C THR A 1 4.30 5.80 -6.56
N ILE A 2 4.67 5.17 -5.48
CA ILE A 2 5.27 3.82 -5.56
C ILE A 2 4.28 2.86 -6.23
N ILE A 3 3.08 2.79 -5.72
CA ILE A 3 2.07 1.89 -6.32
C ILE A 3 1.11 2.73 -7.17
N ASN A 4 0.48 2.13 -8.13
CA ASN A 4 -0.48 2.89 -8.99
C ASN A 4 -1.91 2.54 -8.60
N VAL A 5 -2.44 3.15 -7.58
CA VAL A 5 -3.84 2.84 -7.16
C VAL A 5 -4.39 4.00 -6.32
N LYS A 6 -5.67 4.23 -6.39
CA LYS A 6 -6.27 5.35 -5.61
C LYS A 6 -6.58 4.83 -4.20
N CYS A 7 -6.72 5.71 -3.24
CA CYS A 7 -7.01 5.25 -1.85
C CYS A 7 -7.70 6.34 -1.04
N THR A 8 -8.42 5.93 -0.06
CA THR A 8 -9.08 6.89 0.85
C THR A 8 -8.43 6.73 2.23
N SER A 9 -7.61 5.71 2.37
CA SER A 9 -6.91 5.47 3.67
C SER A 9 -5.82 4.42 3.43
N PRO A 10 -4.67 4.65 4.00
CA PRO A 10 -3.54 3.72 3.85
C PRO A 10 -3.92 2.35 4.41
N LYS A 11 -4.99 2.28 5.16
CA LYS A 11 -5.42 0.98 5.73
C LYS A 11 -5.81 0.04 4.59
N GLN A 12 -6.43 0.57 3.57
CA GLN A 12 -6.84 -0.28 2.42
C GLN A 12 -5.63 -0.50 1.50
N CYS A 13 -4.53 0.15 1.80
CA CYS A 13 -3.32 -0.01 0.95
C CYS A 13 -2.49 -1.20 1.43
N LEU A 14 -2.55 -1.49 2.70
CA LEU A 14 -1.76 -2.61 3.25
C LEU A 14 -2.30 -3.98 2.78
N PRO A 15 -3.60 -4.15 2.81
CA PRO A 15 -4.21 -5.43 2.39
C PRO A 15 -3.77 -5.81 0.98
N PRO A 16 -3.93 -4.89 0.05
CA PRO A 16 -3.53 -5.13 -1.35
C PRO A 16 -2.01 -5.31 -1.41
N CYS A 17 -1.29 -4.43 -0.76
CA CYS A 17 0.20 -4.53 -0.77
C CYS A 17 0.63 -5.72 0.08
N LYS A 18 -0.29 -6.33 0.78
CA LYS A 18 0.08 -7.50 1.64
C LYS A 18 -0.13 -8.78 0.84
N ALA A 19 -0.76 -8.69 -0.29
CA ALA A 19 -0.98 -9.90 -1.13
C ALA A 19 0.06 -9.94 -2.25
N GLN A 20 0.96 -8.99 -2.28
CA GLN A 20 2.00 -8.96 -3.34
C GLN A 20 3.34 -9.41 -2.74
N PHE A 21 3.82 -8.73 -1.73
CA PHE A 21 5.11 -9.13 -1.12
C PHE A 21 4.84 -10.22 -0.08
N GLY A 22 4.16 -9.87 0.98
CA GLY A 22 3.85 -10.85 2.04
C GLY A 22 2.97 -10.18 3.09
N GLN A 23 2.97 -10.68 4.29
CA GLN A 23 2.13 -10.05 5.36
C GLN A 23 2.95 -8.99 6.09
N SER A 24 4.15 -8.72 5.63
CA SER A 24 4.98 -7.69 6.30
C SER A 24 5.09 -6.45 5.42
N ALA A 25 4.73 -6.57 4.17
CA ALA A 25 4.82 -5.38 3.26
C ALA A 25 4.26 -4.15 3.97
N GLY A 26 5.03 -3.11 4.07
CA GLY A 26 4.53 -1.87 4.74
C GLY A 26 4.07 -0.88 3.66
N ALA A 27 2.82 -0.55 3.64
CA ALA A 27 2.32 0.40 2.60
C ALA A 27 1.58 1.56 3.26
N LYS A 28 1.38 2.62 2.52
CA LYS A 28 0.68 3.82 3.07
C LYS A 28 0.02 4.57 1.92
N CYS A 29 -0.70 5.63 2.21
CA CYS A 29 -1.35 6.39 1.12
C CYS A 29 -1.49 7.86 1.49
N MET A 30 -0.94 8.72 0.68
CA MET A 30 -1.08 10.17 0.93
C MET A 30 -2.40 10.58 0.28
N ASN A 31 -3.45 10.67 1.07
CA ASN A 31 -4.82 11.01 0.56
C ASN A 31 -4.83 11.10 -0.97
N GLY A 32 -4.60 10.00 -1.65
CA GLY A 32 -4.60 10.02 -3.13
C GLY A 32 -4.11 8.68 -3.72
N LYS A 33 -3.06 8.11 -3.18
CA LYS A 33 -2.57 6.81 -3.74
C LYS A 33 -1.84 6.03 -2.65
N CYS A 34 -1.69 4.75 -2.83
CA CYS A 34 -1.01 3.92 -1.80
C CYS A 34 0.50 3.90 -2.05
N LYS A 35 1.21 3.17 -1.24
CA LYS A 35 2.69 3.08 -1.40
C LYS A 35 3.14 1.71 -0.91
N CYS A 36 4.10 1.13 -1.55
CA CYS A 36 4.58 -0.22 -1.12
C CYS A 36 6.07 -0.19 -0.79
N TYR A 37 6.42 -0.57 0.40
CA TYR A 37 7.83 -0.60 0.82
C TYR A 37 8.22 -2.04 1.14
N PRO A 38 8.84 -2.70 0.18
CA PRO A 38 9.27 -4.10 0.35
C PRO A 38 10.27 -4.22 1.50
N HIS A 39 10.07 -5.16 2.38
CA HIS A 39 11.00 -5.34 3.53
C HIS A 39 11.08 -6.81 3.91
N THR A 1 5.02 7.71 -5.90
CA THR A 1 4.11 6.56 -5.61
C THR A 1 4.74 5.28 -6.17
N ILE A 2 4.36 4.14 -5.64
CA ILE A 2 4.93 2.86 -6.15
C ILE A 2 3.80 1.98 -6.68
N ILE A 3 2.63 2.04 -6.09
CA ILE A 3 1.51 1.22 -6.56
C ILE A 3 0.57 2.09 -7.41
N ASN A 4 -0.16 1.49 -8.31
CA ASN A 4 -1.10 2.29 -9.16
C ASN A 4 -2.53 2.06 -8.68
N VAL A 5 -2.92 2.71 -7.61
CA VAL A 5 -4.31 2.53 -7.10
C VAL A 5 -4.70 3.74 -6.25
N LYS A 6 -5.95 4.10 -6.24
CA LYS A 6 -6.39 5.26 -5.43
C LYS A 6 -6.68 4.80 -4.00
N CYS A 7 -6.73 5.71 -3.07
CA CYS A 7 -6.99 5.31 -1.66
C CYS A 7 -7.58 6.46 -0.86
N THR A 8 -8.27 6.14 0.18
CA THR A 8 -8.83 7.17 1.08
C THR A 8 -8.12 7.02 2.44
N SER A 9 -7.36 5.97 2.58
CA SER A 9 -6.63 5.73 3.86
C SER A 9 -5.58 4.63 3.63
N PRO A 10 -4.40 4.82 4.14
CA PRO A 10 -3.33 3.83 3.98
C PRO A 10 -3.75 2.50 4.59
N LYS A 11 -4.79 2.50 5.38
CA LYS A 11 -5.26 1.23 5.99
C LYS A 11 -5.77 0.30 4.89
N GLN A 12 -6.56 0.83 3.98
CA GLN A 12 -7.07 -0.01 2.88
C GLN A 12 -5.93 -0.30 1.89
N CYS A 13 -4.79 0.28 2.13
CA CYS A 13 -3.63 0.05 1.21
C CYS A 13 -2.84 -1.16 1.67
N LEU A 14 -2.87 -1.48 2.93
CA LEU A 14 -2.10 -2.63 3.43
C LEU A 14 -2.46 -3.95 2.71
N PRO A 15 -3.74 -4.21 2.56
CA PRO A 15 -4.20 -5.46 1.91
C PRO A 15 -3.64 -5.60 0.48
N PRO A 16 -3.89 -4.62 -0.36
CA PRO A 16 -3.41 -4.65 -1.75
C PRO A 16 -1.88 -4.66 -1.79
N CYS A 17 -1.27 -3.74 -1.09
CA CYS A 17 0.21 -3.67 -1.07
C CYS A 17 0.77 -4.89 -0.32
N LYS A 18 -0.07 -5.59 0.39
CA LYS A 18 0.40 -6.80 1.14
C LYS A 18 0.36 -8.02 0.22
N ALA A 19 -0.25 -7.89 -0.93
CA ALA A 19 -0.32 -9.05 -1.87
C ALA A 19 0.89 -9.01 -2.81
N GLN A 20 1.89 -8.23 -2.47
CA GLN A 20 3.09 -8.15 -3.35
C GLN A 20 4.28 -8.81 -2.64
N PHE A 21 4.68 -8.29 -1.51
CA PHE A 21 5.82 -8.90 -0.78
C PHE A 21 5.30 -10.05 0.08
N GLY A 22 4.50 -9.74 1.06
CA GLY A 22 3.94 -10.78 1.94
C GLY A 22 3.01 -10.10 2.96
N GLN A 23 2.63 -10.78 3.99
CA GLN A 23 1.73 -10.16 5.00
C GLN A 23 2.52 -9.14 5.83
N SER A 24 3.82 -9.15 5.71
CA SER A 24 4.65 -8.18 6.49
C SER A 24 4.81 -6.89 5.68
N ALA A 25 4.63 -6.96 4.38
CA ALA A 25 4.77 -5.76 3.53
C ALA A 25 4.06 -4.57 4.19
N GLY A 26 4.72 -3.46 4.33
CA GLY A 26 4.07 -2.27 4.95
C GLY A 26 3.81 -1.24 3.85
N ALA A 27 2.59 -0.79 3.72
CA ALA A 27 2.30 0.20 2.65
C ALA A 27 1.48 1.37 3.23
N LYS A 28 1.58 2.53 2.61
CA LYS A 28 0.82 3.70 3.11
C LYS A 28 0.16 4.42 1.93
N CYS A 29 -0.50 5.53 2.19
CA CYS A 29 -1.16 6.27 1.09
C CYS A 29 -1.22 7.76 1.40
N MET A 30 -0.68 8.55 0.53
CA MET A 30 -0.77 10.01 0.73
C MET A 30 -2.10 10.44 0.14
N ASN A 31 -3.11 10.58 0.97
CA ASN A 31 -4.50 10.94 0.52
C ASN A 31 -4.58 10.98 -1.01
N GLY A 32 -4.42 9.85 -1.65
CA GLY A 32 -4.49 9.83 -3.14
C GLY A 32 -4.05 8.46 -3.70
N LYS A 33 -2.99 7.88 -3.19
CA LYS A 33 -2.55 6.56 -3.74
C LYS A 33 -1.81 5.78 -2.67
N CYS A 34 -1.74 4.48 -2.81
CA CYS A 34 -1.04 3.67 -1.78
C CYS A 34 0.45 3.56 -2.12
N LYS A 35 1.20 2.89 -1.29
CA LYS A 35 2.66 2.75 -1.55
C LYS A 35 3.15 1.44 -0.94
N CYS A 36 3.82 0.64 -1.72
CA CYS A 36 4.34 -0.64 -1.18
C CYS A 36 5.77 -0.45 -0.69
N TYR A 37 6.01 -0.69 0.56
CA TYR A 37 7.38 -0.53 1.12
C TYR A 37 7.90 -1.90 1.59
N PRO A 38 8.71 -2.51 0.77
CA PRO A 38 9.30 -3.83 1.08
C PRO A 38 10.12 -3.76 2.36
N HIS A 39 10.33 -4.88 3.01
CA HIS A 39 11.12 -4.87 4.28
C HIS A 39 12.48 -5.55 4.03
N THR A 1 8.80 0.70 -2.84
CA THR A 1 8.02 0.59 -4.11
C THR A 1 6.78 1.49 -4.01
N ILE A 2 5.96 1.48 -5.03
CA ILE A 2 4.73 2.33 -5.00
C ILE A 2 3.66 1.71 -5.90
N ILE A 3 2.42 1.98 -5.64
CA ILE A 3 1.34 1.42 -6.48
C ILE A 3 0.47 2.54 -7.04
N ASN A 4 0.10 2.46 -8.30
CA ASN A 4 -0.75 3.53 -8.90
C ASN A 4 -2.23 3.25 -8.61
N VAL A 5 -2.56 2.98 -7.38
CA VAL A 5 -3.99 2.71 -7.04
C VAL A 5 -4.54 3.86 -6.20
N LYS A 6 -5.83 4.10 -6.26
CA LYS A 6 -6.42 5.20 -5.46
C LYS A 6 -6.71 4.72 -4.04
N CYS A 7 -6.81 5.61 -3.11
CA CYS A 7 -7.07 5.19 -1.70
C CYS A 7 -7.70 6.31 -0.89
N THR A 8 -8.40 5.95 0.14
CA THR A 8 -9.00 6.97 1.04
C THR A 8 -8.27 6.86 2.38
N SER A 9 -7.47 5.83 2.54
CA SER A 9 -6.71 5.62 3.80
C SER A 9 -5.67 4.53 3.55
N PRO A 10 -4.49 4.73 4.07
CA PRO A 10 -3.41 3.75 3.91
C PRO A 10 -3.82 2.41 4.51
N LYS A 11 -4.87 2.40 5.30
CA LYS A 11 -5.32 1.12 5.91
C LYS A 11 -5.79 0.18 4.79
N GLN A 12 -6.57 0.69 3.87
CA GLN A 12 -7.05 -0.16 2.76
C GLN A 12 -5.89 -0.42 1.79
N CYS A 13 -4.76 0.18 2.03
CA CYS A 13 -3.60 -0.01 1.13
C CYS A 13 -2.79 -1.23 1.56
N LEU A 14 -2.86 -1.60 2.80
CA LEU A 14 -2.08 -2.76 3.28
C LEU A 14 -2.43 -4.04 2.50
N PRO A 15 -3.70 -4.31 2.31
CA PRO A 15 -4.14 -5.53 1.61
C PRO A 15 -3.54 -5.62 0.20
N PRO A 16 -3.75 -4.61 -0.60
CA PRO A 16 -3.23 -4.59 -1.99
C PRO A 16 -1.70 -4.63 -1.97
N CYS A 17 -1.10 -3.82 -1.15
CA CYS A 17 0.37 -3.77 -1.05
C CYS A 17 0.86 -5.03 -0.30
N LYS A 18 -0.04 -5.76 0.30
CA LYS A 18 0.37 -6.99 1.05
C LYS A 18 0.16 -8.22 0.16
N ALA A 19 -0.55 -8.07 -0.92
CA ALA A 19 -0.78 -9.23 -1.82
C ALA A 19 0.41 -9.39 -2.77
N GLN A 20 1.47 -8.65 -2.52
CA GLN A 20 2.66 -8.76 -3.41
C GLN A 20 3.85 -9.29 -2.60
N PHE A 21 4.20 -8.62 -1.53
CA PHE A 21 5.35 -9.10 -0.70
C PHE A 21 4.83 -10.12 0.29
N GLY A 22 4.01 -9.68 1.21
CA GLY A 22 3.45 -10.59 2.23
C GLY A 22 2.81 -9.74 3.33
N GLN A 23 2.46 -10.34 4.44
CA GLN A 23 1.84 -9.54 5.53
C GLN A 23 2.91 -8.68 6.21
N SER A 24 4.15 -8.86 5.84
CA SER A 24 5.23 -8.06 6.47
C SER A 24 5.44 -6.77 5.67
N ALA A 25 5.06 -6.76 4.41
CA ALA A 25 5.25 -5.54 3.59
C ALA A 25 4.46 -4.37 4.20
N GLY A 26 5.07 -3.23 4.31
CA GLY A 26 4.35 -2.05 4.89
C GLY A 26 4.01 -1.09 3.76
N ALA A 27 2.78 -0.65 3.69
CA ALA A 27 2.39 0.29 2.60
C ALA A 27 1.55 1.43 3.18
N LYS A 28 1.57 2.57 2.54
CA LYS A 28 0.77 3.73 3.06
C LYS A 28 0.09 4.45 1.89
N CYS A 29 -0.59 5.53 2.15
CA CYS A 29 -1.27 6.26 1.06
C CYS A 29 -1.36 7.76 1.38
N MET A 30 -0.81 8.56 0.54
CA MET A 30 -0.90 10.02 0.74
C MET A 30 -2.23 10.45 0.12
N ASN A 31 -3.25 10.62 0.95
CA ASN A 31 -4.62 10.98 0.47
C ASN A 31 -4.69 11.01 -1.06
N GLY A 32 -4.53 9.86 -1.69
CA GLY A 32 -4.59 9.84 -3.17
C GLY A 32 -4.16 8.46 -3.72
N LYS A 33 -3.10 7.88 -3.21
CA LYS A 33 -2.67 6.55 -3.75
C LYS A 33 -1.90 5.78 -2.67
N CYS A 34 -1.80 4.49 -2.82
CA CYS A 34 -1.09 3.68 -1.79
C CYS A 34 0.40 3.61 -2.13
N LYS A 35 1.16 2.93 -1.31
CA LYS A 35 2.63 2.83 -1.56
C LYS A 35 3.13 1.51 -1.00
N CYS A 36 3.83 0.76 -1.80
CA CYS A 36 4.37 -0.55 -1.31
C CYS A 36 5.83 -0.37 -0.88
N TYR A 37 6.12 -0.69 0.36
CA TYR A 37 7.51 -0.57 0.85
C TYR A 37 8.02 -1.94 1.30
N PRO A 38 8.69 -2.62 0.40
CA PRO A 38 9.24 -3.96 0.68
C PRO A 38 10.21 -3.90 1.86
N HIS A 39 10.54 -5.03 2.43
CA HIS A 39 11.49 -5.05 3.57
C HIS A 39 12.55 -6.12 3.35
N THR A 1 8.98 -1.01 -3.82
CA THR A 1 8.29 -0.66 -5.09
C THR A 1 7.22 0.41 -4.80
N ILE A 2 6.24 0.53 -5.67
CA ILE A 2 5.18 1.55 -5.44
C ILE A 2 3.91 1.14 -6.18
N ILE A 3 2.79 1.67 -5.80
CA ILE A 3 1.53 1.31 -6.48
C ILE A 3 0.82 2.57 -6.97
N ASN A 4 0.17 2.52 -8.09
CA ASN A 4 -0.53 3.73 -8.62
C ASN A 4 -2.04 3.58 -8.40
N VAL A 5 -2.44 3.05 -7.29
CA VAL A 5 -3.90 2.88 -7.02
C VAL A 5 -4.37 4.02 -6.10
N LYS A 6 -5.60 4.42 -6.21
CA LYS A 6 -6.10 5.51 -5.34
C LYS A 6 -6.54 4.92 -4.00
N CYS A 7 -6.61 5.72 -2.97
CA CYS A 7 -7.00 5.19 -1.64
C CYS A 7 -7.58 6.30 -0.76
N THR A 8 -8.38 5.93 0.19
CA THR A 8 -8.93 6.93 1.13
C THR A 8 -8.23 6.76 2.48
N SER A 9 -7.39 5.76 2.58
CA SER A 9 -6.65 5.51 3.84
C SER A 9 -5.50 4.53 3.56
N PRO A 10 -4.38 4.77 4.18
CA PRO A 10 -3.20 3.91 4.00
C PRO A 10 -3.48 2.50 4.51
N LYS A 11 -4.59 2.31 5.19
CA LYS A 11 -4.92 0.96 5.71
C LYS A 11 -5.41 0.07 4.56
N GLN A 12 -6.19 0.61 3.67
CA GLN A 12 -6.70 -0.20 2.53
C GLN A 12 -5.56 -0.47 1.54
N CYS A 13 -4.41 0.11 1.78
CA CYS A 13 -3.27 -0.10 0.87
C CYS A 13 -2.46 -1.33 1.29
N LEU A 14 -2.47 -1.64 2.55
CA LEU A 14 -1.71 -2.81 3.05
C LEU A 14 -2.28 -4.13 2.55
N PRO A 15 -3.59 -4.29 2.58
CA PRO A 15 -4.23 -5.54 2.14
C PRO A 15 -3.83 -5.88 0.70
N PRO A 16 -4.02 -4.96 -0.20
CA PRO A 16 -3.67 -5.16 -1.62
C PRO A 16 -2.16 -5.33 -1.76
N CYS A 17 -1.42 -4.48 -1.11
CA CYS A 17 0.06 -4.56 -1.18
C CYS A 17 0.57 -5.83 -0.50
N LYS A 18 -0.26 -6.45 0.31
CA LYS A 18 0.18 -7.68 1.01
C LYS A 18 0.03 -8.88 0.06
N ALA A 19 -0.60 -8.68 -1.06
CA ALA A 19 -0.77 -9.80 -2.03
C ALA A 19 0.44 -9.85 -2.96
N GLN A 20 1.55 -9.29 -2.56
CA GLN A 20 2.75 -9.29 -3.42
C GLN A 20 4.00 -9.61 -2.57
N PHE A 21 4.23 -8.84 -1.54
CA PHE A 21 5.42 -9.10 -0.68
C PHE A 21 5.06 -10.16 0.36
N GLY A 22 4.17 -9.81 1.23
CA GLY A 22 3.74 -10.75 2.31
C GLY A 22 3.03 -9.94 3.39
N GLN A 23 2.72 -10.53 4.51
CA GLN A 23 2.04 -9.76 5.59
C GLN A 23 2.99 -8.70 6.16
N SER A 24 4.22 -8.72 5.75
CA SER A 24 5.20 -7.72 6.26
C SER A 24 5.19 -6.48 5.36
N ALA A 25 4.51 -6.56 4.24
CA ALA A 25 4.48 -5.39 3.31
C ALA A 25 3.89 -4.18 4.02
N GLY A 26 4.61 -3.09 4.06
CA GLY A 26 4.09 -1.87 4.73
C GLY A 26 3.83 -0.79 3.67
N ALA A 27 2.61 -0.37 3.53
CA ALA A 27 2.31 0.67 2.51
C ALA A 27 1.52 1.82 3.17
N LYS A 28 1.40 2.93 2.50
CA LYS A 28 0.66 4.08 3.08
C LYS A 28 -0.26 4.71 2.02
N CYS A 29 -0.82 5.85 2.31
CA CYS A 29 -1.73 6.51 1.32
C CYS A 29 -1.69 8.02 1.52
N MET A 30 -1.21 8.73 0.53
CA MET A 30 -1.12 10.21 0.65
C MET A 30 -2.47 10.83 0.23
N ASN A 31 -2.45 11.94 -0.47
CA ASN A 31 -3.72 12.59 -0.89
C ASN A 31 -4.73 11.54 -1.33
N GLY A 32 -4.26 10.43 -1.81
CA GLY A 32 -5.20 9.36 -2.26
C GLY A 32 -4.47 8.37 -3.17
N LYS A 33 -3.37 7.83 -2.72
CA LYS A 33 -2.64 6.84 -3.56
C LYS A 33 -1.85 5.92 -2.63
N CYS A 34 -1.83 4.65 -2.91
CA CYS A 34 -1.10 3.73 -2.00
C CYS A 34 0.39 3.68 -2.36
N LYS A 35 1.19 3.26 -1.43
CA LYS A 35 2.65 3.18 -1.68
C LYS A 35 3.18 1.88 -1.05
N CYS A 36 3.79 1.07 -1.84
CA CYS A 36 4.32 -0.22 -1.30
C CYS A 36 5.78 -0.07 -0.85
N TYR A 37 6.04 -0.35 0.40
CA TYR A 37 7.41 -0.27 0.92
C TYR A 37 7.81 -1.63 1.49
N PRO A 38 8.45 -2.42 0.66
CA PRO A 38 8.90 -3.77 1.06
C PRO A 38 9.87 -3.67 2.23
N HIS A 39 9.87 -4.65 3.09
CA HIS A 39 10.80 -4.62 4.26
C HIS A 39 11.95 -5.59 4.03
N THR A 1 4.94 7.70 -5.11
CA THR A 1 3.98 6.56 -5.12
C THR A 1 4.67 5.33 -5.73
N ILE A 2 4.28 4.15 -5.31
CA ILE A 2 4.90 2.92 -5.87
C ILE A 2 3.82 2.04 -6.49
N ILE A 3 2.63 2.07 -5.96
CA ILE A 3 1.53 1.24 -6.52
C ILE A 3 0.61 2.14 -7.36
N ASN A 4 -0.10 1.59 -8.28
CA ASN A 4 -1.02 2.41 -9.13
C ASN A 4 -2.46 2.18 -8.69
N VAL A 5 -2.89 2.84 -7.64
CA VAL A 5 -4.28 2.65 -7.17
C VAL A 5 -4.69 3.84 -6.30
N LYS A 6 -5.96 4.13 -6.22
CA LYS A 6 -6.41 5.27 -5.39
C LYS A 6 -6.71 4.79 -3.97
N CYS A 7 -6.74 5.68 -3.02
CA CYS A 7 -7.01 5.26 -1.61
C CYS A 7 -7.58 6.41 -0.80
N THR A 8 -8.26 6.09 0.26
CA THR A 8 -8.80 7.15 1.15
C THR A 8 -8.05 7.03 2.48
N SER A 9 -7.29 5.98 2.64
CA SER A 9 -6.51 5.77 3.90
C SER A 9 -5.50 4.64 3.66
N PRO A 10 -4.31 4.81 4.14
CA PRO A 10 -3.26 3.79 3.98
C PRO A 10 -3.70 2.48 4.62
N LYS A 11 -4.73 2.52 5.43
CA LYS A 11 -5.22 1.27 6.07
C LYS A 11 -5.77 0.34 5.00
N GLN A 12 -6.55 0.87 4.09
CA GLN A 12 -7.12 0.03 3.00
C GLN A 12 -6.01 -0.29 2.00
N CYS A 13 -4.85 0.28 2.18
CA CYS A 13 -3.74 0.03 1.23
C CYS A 13 -2.94 -1.19 1.69
N LEU A 14 -3.00 -1.54 2.93
CA LEU A 14 -2.25 -2.68 3.43
C LEU A 14 -2.60 -3.99 2.68
N PRO A 15 -3.87 -4.24 2.50
CA PRO A 15 -4.32 -5.48 1.82
C PRO A 15 -3.74 -5.59 0.40
N PRO A 16 -3.98 -4.60 -0.42
CA PRO A 16 -3.48 -4.60 -1.82
C PRO A 16 -1.95 -4.62 -1.83
N CYS A 17 -1.34 -3.72 -1.11
CA CYS A 17 0.14 -3.65 -1.06
C CYS A 17 0.67 -4.89 -0.32
N LYS A 18 -0.19 -5.59 0.37
CA LYS A 18 0.27 -6.81 1.12
C LYS A 18 0.30 -8.00 0.17
N ALA A 19 -0.23 -7.84 -1.01
CA ALA A 19 -0.23 -8.97 -1.99
C ALA A 19 1.02 -8.86 -2.87
N GLN A 20 1.98 -8.09 -2.48
CA GLN A 20 3.22 -7.96 -3.30
C GLN A 20 4.39 -8.65 -2.59
N PHE A 21 4.78 -8.16 -1.45
CA PHE A 21 5.92 -8.79 -0.72
C PHE A 21 5.38 -9.96 0.11
N GLY A 22 4.59 -9.65 1.09
CA GLY A 22 4.01 -10.71 1.95
C GLY A 22 2.98 -10.06 2.88
N GLN A 23 2.69 -10.68 3.99
CA GLN A 23 1.69 -10.08 4.93
C GLN A 23 2.37 -9.00 5.78
N SER A 24 3.68 -8.96 5.76
CA SER A 24 4.41 -7.94 6.57
C SER A 24 4.66 -6.70 5.71
N ALA A 25 4.49 -6.82 4.42
CA ALA A 25 4.72 -5.66 3.52
C ALA A 25 4.12 -4.39 4.14
N GLY A 26 4.94 -3.41 4.43
CA GLY A 26 4.41 -2.15 5.02
C GLY A 26 4.05 -1.19 3.89
N ALA A 27 2.83 -0.76 3.82
CA ALA A 27 2.43 0.16 2.72
C ALA A 27 1.72 1.39 3.29
N LYS A 28 1.65 2.45 2.53
CA LYS A 28 0.99 3.69 3.02
C LYS A 28 0.26 4.38 1.87
N CYS A 29 -0.41 5.47 2.13
CA CYS A 29 -1.14 6.18 1.06
C CYS A 29 -1.20 7.68 1.35
N MET A 30 -0.71 8.47 0.46
CA MET A 30 -0.81 9.94 0.63
C MET A 30 -2.15 10.34 0.05
N ASN A 31 -3.15 10.48 0.90
CA ASN A 31 -4.55 10.81 0.46
C ASN A 31 -4.66 10.86 -1.07
N GLY A 32 -4.49 9.72 -1.71
CA GLY A 32 -4.57 9.69 -3.20
C GLY A 32 -4.12 8.34 -3.75
N LYS A 33 -3.07 7.75 -3.23
CA LYS A 33 -2.62 6.43 -3.78
C LYS A 33 -1.89 5.65 -2.69
N CYS A 34 -1.82 4.36 -2.83
CA CYS A 34 -1.12 3.53 -1.81
C CYS A 34 0.36 3.44 -2.14
N LYS A 35 1.10 2.75 -1.31
CA LYS A 35 2.56 2.61 -1.55
C LYS A 35 3.06 1.29 -0.99
N CYS A 36 3.84 0.58 -1.74
CA CYS A 36 4.37 -0.72 -1.24
C CYS A 36 5.83 -0.57 -0.81
N TYR A 37 6.09 -0.79 0.46
CA TYR A 37 7.48 -0.68 0.97
C TYR A 37 7.92 -2.04 1.53
N PRO A 38 8.79 -2.71 0.80
CA PRO A 38 9.30 -4.03 1.21
C PRO A 38 10.02 -3.92 2.56
N HIS A 39 9.69 -4.77 3.49
CA HIS A 39 10.35 -4.72 4.83
C HIS A 39 10.99 -6.08 5.14
N THR A 1 9.58 -0.44 -4.19
CA THR A 1 8.39 -0.59 -5.07
C THR A 1 7.40 0.54 -4.78
N ILE A 2 6.48 0.80 -5.68
CA ILE A 2 5.50 1.88 -5.46
C ILE A 2 4.18 1.51 -6.16
N ILE A 3 3.08 1.98 -5.66
CA ILE A 3 1.78 1.65 -6.30
C ILE A 3 1.05 2.95 -6.67
N ASN A 4 0.30 2.95 -7.73
CA ASN A 4 -0.42 4.19 -8.14
C ASN A 4 -1.93 3.93 -8.09
N VAL A 5 -2.38 3.11 -7.18
CA VAL A 5 -3.85 2.84 -7.10
C VAL A 5 -4.52 3.96 -6.29
N LYS A 6 -5.82 4.09 -6.40
CA LYS A 6 -6.51 5.17 -5.64
C LYS A 6 -6.80 4.67 -4.22
N CYS A 7 -6.91 5.56 -3.27
CA CYS A 7 -7.16 5.12 -1.87
C CYS A 7 -7.82 6.22 -1.05
N THR A 8 -8.34 5.84 0.08
CA THR A 8 -8.96 6.82 0.99
C THR A 8 -8.23 6.71 2.35
N SER A 9 -7.37 5.73 2.49
CA SER A 9 -6.63 5.56 3.76
C SER A 9 -5.50 4.53 3.53
N PRO A 10 -4.38 4.75 4.16
CA PRO A 10 -3.23 3.85 4.05
C PRO A 10 -3.61 2.45 4.55
N LYS A 11 -4.70 2.34 5.27
CA LYS A 11 -5.12 1.02 5.78
C LYS A 11 -5.51 0.12 4.59
N GLN A 12 -6.23 0.66 3.65
CA GLN A 12 -6.63 -0.16 2.46
C GLN A 12 -5.40 -0.41 1.59
N CYS A 13 -4.29 0.17 1.93
CA CYS A 13 -3.06 -0.02 1.13
C CYS A 13 -2.34 -1.30 1.55
N LEU A 14 -2.48 -1.67 2.80
CA LEU A 14 -1.82 -2.88 3.30
C LEU A 14 -2.40 -4.18 2.72
N PRO A 15 -3.72 -4.28 2.67
CA PRO A 15 -4.37 -5.49 2.15
C PRO A 15 -3.88 -5.81 0.73
N PRO A 16 -3.99 -4.85 -0.15
CA PRO A 16 -3.53 -5.04 -1.54
C PRO A 16 -2.01 -5.18 -1.55
N CYS A 17 -1.35 -4.35 -0.80
CA CYS A 17 0.14 -4.41 -0.72
C CYS A 17 0.57 -5.63 0.09
N LYS A 18 -0.36 -6.34 0.67
CA LYS A 18 0.01 -7.54 1.47
C LYS A 18 -0.17 -8.79 0.61
N ALA A 19 -0.76 -8.66 -0.54
CA ALA A 19 -0.96 -9.84 -1.42
C ALA A 19 0.14 -9.87 -2.48
N GLN A 20 1.20 -9.12 -2.30
CA GLN A 20 2.30 -9.11 -3.29
C GLN A 20 3.63 -9.42 -2.59
N PHE A 21 3.99 -8.65 -1.61
CA PHE A 21 5.26 -8.90 -0.87
C PHE A 21 5.00 -9.93 0.23
N GLY A 22 3.85 -9.87 0.83
CA GLY A 22 3.51 -10.82 1.91
C GLY A 22 2.77 -10.07 3.02
N GLN A 23 2.74 -10.61 4.20
CA GLN A 23 2.04 -9.91 5.32
C GLN A 23 3.01 -8.93 5.99
N SER A 24 4.16 -8.74 5.41
CA SER A 24 5.15 -7.80 6.01
C SER A 24 5.23 -6.53 5.17
N ALA A 25 4.76 -6.58 3.95
CA ALA A 25 4.82 -5.36 3.09
C ALA A 25 4.16 -4.19 3.82
N GLY A 26 4.88 -3.14 4.05
CA GLY A 26 4.29 -1.97 4.75
C GLY A 26 3.95 -0.89 3.71
N ALA A 27 2.70 -0.57 3.56
CA ALA A 27 2.32 0.45 2.55
C ALA A 27 1.52 1.59 3.20
N LYS A 28 1.29 2.64 2.46
CA LYS A 28 0.53 3.80 3.00
C LYS A 28 -0.09 4.58 1.85
N CYS A 29 -0.86 5.60 2.13
CA CYS A 29 -1.50 6.37 1.04
C CYS A 29 -1.67 7.83 1.47
N MET A 30 -1.21 8.73 0.65
CA MET A 30 -1.39 10.17 0.96
C MET A 30 -2.64 10.61 0.20
N ASN A 31 -3.74 10.78 0.90
CA ASN A 31 -5.05 11.15 0.27
C ASN A 31 -4.93 11.19 -1.26
N GLY A 32 -4.71 10.05 -1.86
CA GLY A 32 -4.58 10.02 -3.35
C GLY A 32 -4.21 8.61 -3.84
N LYS A 33 -3.13 8.03 -3.35
CA LYS A 33 -2.75 6.67 -3.84
C LYS A 33 -1.97 5.93 -2.75
N CYS A 34 -1.82 4.64 -2.91
CA CYS A 34 -1.09 3.84 -1.89
C CYS A 34 0.40 3.82 -2.20
N LYS A 35 1.18 3.19 -1.35
CA LYS A 35 2.64 3.11 -1.58
C LYS A 35 3.16 1.82 -0.96
N CYS A 36 3.89 1.05 -1.71
CA CYS A 36 4.42 -0.23 -1.15
C CYS A 36 5.89 -0.10 -0.78
N TYR A 37 6.21 -0.36 0.46
CA TYR A 37 7.60 -0.28 0.93
C TYR A 37 8.08 -1.69 1.31
N PRO A 38 8.79 -2.32 0.41
CA PRO A 38 9.31 -3.68 0.64
C PRO A 38 10.25 -3.69 1.85
N HIS A 39 9.72 -3.93 3.02
CA HIS A 39 10.59 -3.96 4.23
C HIS A 39 11.07 -5.38 4.49
N THR A 1 9.57 2.95 -3.63
CA THR A 1 8.67 2.50 -4.73
C THR A 1 7.22 2.87 -4.37
N ILE A 2 6.35 2.89 -5.34
CA ILE A 2 4.94 3.25 -5.06
C ILE A 2 4.05 2.58 -6.12
N ILE A 3 2.87 2.17 -5.74
CA ILE A 3 1.97 1.52 -6.71
C ILE A 3 1.02 2.55 -7.31
N ASN A 4 0.57 2.34 -8.52
CA ASN A 4 -0.35 3.32 -9.17
C ASN A 4 -1.79 2.98 -8.77
N VAL A 5 -2.05 2.85 -7.50
CA VAL A 5 -3.44 2.53 -7.05
C VAL A 5 -3.97 3.69 -6.21
N LYS A 6 -5.26 3.87 -6.16
CA LYS A 6 -5.82 4.99 -5.35
C LYS A 6 -6.32 4.45 -4.02
N CYS A 7 -6.43 5.31 -3.04
CA CYS A 7 -6.89 4.85 -1.70
C CYS A 7 -7.51 6.01 -0.92
N THR A 8 -8.30 5.71 0.06
CA THR A 8 -8.89 6.77 0.90
C THR A 8 -8.20 6.73 2.27
N SER A 9 -7.36 5.74 2.47
CA SER A 9 -6.63 5.61 3.76
C SER A 9 -5.51 4.58 3.58
N PRO A 10 -4.38 4.86 4.16
CA PRO A 10 -3.22 3.97 4.06
C PRO A 10 -3.57 2.60 4.65
N LYS A 11 -4.66 2.53 5.38
CA LYS A 11 -5.07 1.23 5.98
C LYS A 11 -5.61 0.31 4.87
N GLN A 12 -6.38 0.84 3.97
CA GLN A 12 -6.94 0.01 2.87
C GLN A 12 -5.83 -0.29 1.86
N CYS A 13 -4.67 0.27 2.06
CA CYS A 13 -3.55 0.03 1.12
C CYS A 13 -2.71 -1.16 1.59
N LEU A 14 -2.78 -1.47 2.85
CA LEU A 14 -2.00 -2.60 3.38
C LEU A 14 -2.50 -3.95 2.85
N PRO A 15 -3.80 -4.16 2.84
CA PRO A 15 -4.38 -5.43 2.38
C PRO A 15 -3.94 -5.74 0.93
N PRO A 16 -4.16 -4.81 0.04
CA PRO A 16 -3.78 -4.98 -1.38
C PRO A 16 -2.26 -5.08 -1.48
N CYS A 17 -1.58 -4.21 -0.79
CA CYS A 17 -0.09 -4.20 -0.82
C CYS A 17 0.45 -5.46 -0.15
N LYS A 18 -0.36 -6.15 0.61
CA LYS A 18 0.12 -7.38 1.29
C LYS A 18 -0.03 -8.58 0.35
N ALA A 19 -0.69 -8.39 -0.76
CA ALA A 19 -0.85 -9.52 -1.72
C ALA A 19 0.28 -9.45 -2.77
N GLN A 20 1.31 -8.70 -2.48
CA GLN A 20 2.43 -8.58 -3.45
C GLN A 20 3.72 -9.11 -2.81
N PHE A 21 4.13 -8.51 -1.72
CA PHE A 21 5.38 -8.98 -1.04
C PHE A 21 5.02 -10.11 -0.08
N GLY A 22 4.31 -9.78 0.95
CA GLY A 22 3.91 -10.80 1.97
C GLY A 22 3.15 -10.09 3.09
N GLN A 23 2.90 -10.76 4.18
CA GLN A 23 2.15 -10.11 5.29
C GLN A 23 3.03 -9.03 5.93
N SER A 24 4.27 -8.93 5.51
CA SER A 24 5.17 -7.90 6.10
C SER A 24 5.17 -6.65 5.22
N ALA A 25 4.56 -6.71 4.07
CA ALA A 25 4.54 -5.51 3.18
C ALA A 25 3.88 -4.35 3.91
N GLY A 26 4.57 -3.23 4.01
CA GLY A 26 3.97 -2.06 4.71
C GLY A 26 3.76 -0.95 3.68
N ALA A 27 2.57 -0.41 3.60
CA ALA A 27 2.31 0.68 2.60
C ALA A 27 1.47 1.79 3.23
N LYS A 28 1.52 2.97 2.65
CA LYS A 28 0.74 4.12 3.20
C LYS A 28 -0.17 4.67 2.12
N CYS A 29 -0.77 5.81 2.35
CA CYS A 29 -1.69 6.41 1.33
C CYS A 29 -1.67 7.93 1.44
N MET A 30 -1.23 8.60 0.43
CA MET A 30 -1.19 10.09 0.47
C MET A 30 -2.57 10.65 0.07
N ASN A 31 -2.59 11.71 -0.69
CA ASN A 31 -3.91 12.29 -1.10
C ASN A 31 -4.87 11.18 -1.48
N GLY A 32 -4.36 10.07 -1.92
CA GLY A 32 -5.24 8.95 -2.31
C GLY A 32 -4.46 7.97 -3.20
N LYS A 33 -3.34 7.50 -2.74
CA LYS A 33 -2.55 6.53 -3.54
C LYS A 33 -1.73 5.67 -2.59
N CYS A 34 -1.70 4.39 -2.81
CA CYS A 34 -0.94 3.51 -1.87
C CYS A 34 0.53 3.45 -2.25
N LYS A 35 1.36 3.30 -1.26
CA LYS A 35 2.83 3.22 -1.48
C LYS A 35 3.33 1.91 -0.88
N CYS A 36 3.85 1.05 -1.70
CA CYS A 36 4.33 -0.26 -1.17
C CYS A 36 5.82 -0.22 -0.84
N TYR A 37 6.15 -0.52 0.39
CA TYR A 37 7.57 -0.53 0.83
C TYR A 37 7.92 -1.96 1.26
N PRO A 38 8.67 -2.65 0.43
CA PRO A 38 9.08 -4.04 0.70
C PRO A 38 9.90 -4.10 2.00
N HIS A 39 9.68 -5.11 2.79
CA HIS A 39 10.45 -5.22 4.06
C HIS A 39 11.46 -6.37 3.96
N THR A 1 5.30 8.20 -4.85
CA THR A 1 4.33 7.07 -4.89
C THR A 1 4.96 5.89 -5.64
N ILE A 2 4.60 4.69 -5.28
CA ILE A 2 5.18 3.50 -5.98
C ILE A 2 4.05 2.64 -6.55
N ILE A 3 2.97 2.50 -5.81
CA ILE A 3 1.84 1.69 -6.31
C ILE A 3 0.92 2.58 -7.16
N ASN A 4 0.22 1.99 -8.09
CA ASN A 4 -0.70 2.80 -8.94
C ASN A 4 -2.15 2.48 -8.58
N VAL A 5 -2.63 2.99 -7.48
CA VAL A 5 -4.03 2.70 -7.07
C VAL A 5 -4.55 3.85 -6.20
N LYS A 6 -5.84 4.09 -6.22
CA LYS A 6 -6.40 5.19 -5.39
C LYS A 6 -6.65 4.68 -3.97
N CYS A 7 -6.85 5.57 -3.03
CA CYS A 7 -7.08 5.11 -1.63
C CYS A 7 -7.85 6.15 -0.82
N THR A 8 -8.53 5.69 0.19
CA THR A 8 -9.25 6.60 1.09
C THR A 8 -8.58 6.51 2.47
N SER A 9 -7.70 5.54 2.63
CA SER A 9 -6.98 5.35 3.91
C SER A 9 -5.84 4.36 3.68
N PRO A 10 -4.72 4.60 4.30
CA PRO A 10 -3.54 3.72 4.17
C PRO A 10 -3.90 2.32 4.66
N LYS A 11 -4.97 2.19 5.40
CA LYS A 11 -5.36 0.84 5.91
C LYS A 11 -5.72 -0.06 4.72
N GLN A 12 -6.47 0.46 3.78
CA GLN A 12 -6.84 -0.35 2.60
C GLN A 12 -5.61 -0.54 1.70
N CYS A 13 -4.51 0.08 2.05
CA CYS A 13 -3.28 -0.05 1.22
C CYS A 13 -2.50 -1.30 1.65
N LEU A 14 -2.66 -1.71 2.88
CA LEU A 14 -1.92 -2.88 3.39
C LEU A 14 -2.47 -4.19 2.80
N PRO A 15 -3.77 -4.36 2.78
CA PRO A 15 -4.38 -5.59 2.25
C PRO A 15 -3.89 -5.87 0.82
N PRO A 16 -4.03 -4.90 -0.04
CA PRO A 16 -3.58 -5.04 -1.44
C PRO A 16 -2.06 -5.15 -1.46
N CYS A 17 -1.41 -4.31 -0.69
CA CYS A 17 0.08 -4.33 -0.65
C CYS A 17 0.56 -5.56 0.13
N LYS A 18 -0.34 -6.31 0.70
CA LYS A 18 0.07 -7.51 1.47
C LYS A 18 -0.11 -8.76 0.61
N ALA A 19 -0.74 -8.62 -0.53
CA ALA A 19 -0.96 -9.79 -1.42
C ALA A 19 0.08 -9.78 -2.56
N GLN A 20 1.09 -8.95 -2.44
CA GLN A 20 2.12 -8.89 -3.52
C GLN A 20 3.49 -9.24 -2.92
N PHE A 21 3.90 -8.54 -1.89
CA PHE A 21 5.21 -8.82 -1.27
C PHE A 21 5.03 -9.92 -0.21
N GLY A 22 4.03 -9.79 0.60
CA GLY A 22 3.77 -10.79 1.66
C GLY A 22 3.01 -10.12 2.80
N GLN A 23 3.02 -10.68 3.97
CA GLN A 23 2.29 -10.05 5.11
C GLN A 23 3.22 -9.05 5.81
N SER A 24 4.35 -8.76 5.23
CA SER A 24 5.29 -7.80 5.86
C SER A 24 5.30 -6.49 5.07
N ALA A 25 4.83 -6.52 3.85
CA ALA A 25 4.83 -5.28 3.03
C ALA A 25 4.10 -4.16 3.78
N GLY A 26 4.81 -3.15 4.20
CA GLY A 26 4.15 -2.03 4.92
C GLY A 26 3.82 -0.93 3.93
N ALA A 27 2.57 -0.60 3.78
CA ALA A 27 2.21 0.46 2.79
C ALA A 27 1.38 1.56 3.45
N LYS A 28 1.16 2.63 2.74
CA LYS A 28 0.35 3.77 3.29
C LYS A 28 -0.26 4.56 2.13
N CYS A 29 -0.96 5.62 2.43
CA CYS A 29 -1.58 6.44 1.36
C CYS A 29 -1.65 7.88 1.85
N MET A 30 -1.23 8.82 1.04
CA MET A 30 -1.25 10.24 1.47
C MET A 30 -1.32 11.16 0.26
N ASN A 31 -1.90 10.69 -0.80
CA ASN A 31 -2.02 11.53 -2.02
C ASN A 31 -3.00 10.84 -2.96
N GLY A 32 -4.09 10.36 -2.43
CA GLY A 32 -5.09 9.66 -3.26
C GLY A 32 -4.44 8.39 -3.83
N LYS A 33 -3.37 7.92 -3.22
CA LYS A 33 -2.73 6.69 -3.73
C LYS A 33 -2.00 6.00 -2.58
N CYS A 34 -1.80 4.71 -2.71
CA CYS A 34 -1.10 3.94 -1.65
C CYS A 34 0.40 3.95 -1.90
N LYS A 35 1.15 3.30 -1.06
CA LYS A 35 2.63 3.23 -1.24
C LYS A 35 3.14 1.93 -0.65
N CYS A 36 3.87 1.18 -1.39
CA CYS A 36 4.39 -0.11 -0.87
C CYS A 36 5.85 -0.02 -0.47
N TYR A 37 6.16 -0.37 0.75
CA TYR A 37 7.56 -0.33 1.25
C TYR A 37 8.01 -1.76 1.55
N PRO A 38 8.70 -2.35 0.60
CA PRO A 38 9.21 -3.73 0.74
C PRO A 38 10.16 -3.83 1.92
N HIS A 39 10.29 -4.98 2.51
CA HIS A 39 11.22 -5.14 3.67
C HIS A 39 12.42 -5.99 3.25
N THR A 1 3.37 8.87 -5.27
CA THR A 1 3.11 7.57 -4.59
C THR A 1 4.02 6.49 -5.18
N ILE A 2 3.76 5.25 -4.89
CA ILE A 2 4.62 4.16 -5.44
C ILE A 2 3.77 3.24 -6.32
N ILE A 3 2.71 2.69 -5.80
CA ILE A 3 1.86 1.79 -6.61
C ILE A 3 0.87 2.61 -7.44
N ASN A 4 0.35 2.05 -8.49
CA ASN A 4 -0.62 2.80 -9.34
C ASN A 4 -2.04 2.50 -8.85
N VAL A 5 -2.36 2.88 -7.65
CA VAL A 5 -3.73 2.62 -7.11
C VAL A 5 -4.16 3.78 -6.21
N LYS A 6 -5.44 4.06 -6.17
CA LYS A 6 -5.92 5.17 -5.31
C LYS A 6 -6.39 4.62 -3.97
N CYS A 7 -6.50 5.45 -2.97
CA CYS A 7 -6.93 4.96 -1.63
C CYS A 7 -7.57 6.08 -0.81
N THR A 8 -8.36 5.71 0.15
CA THR A 8 -8.99 6.71 1.04
C THR A 8 -8.29 6.62 2.40
N SER A 9 -7.46 5.63 2.57
CA SER A 9 -6.72 5.47 3.85
C SER A 9 -5.60 4.45 3.65
N PRO A 10 -4.45 4.72 4.23
CA PRO A 10 -3.29 3.83 4.11
C PRO A 10 -3.64 2.45 4.67
N LYS A 11 -4.72 2.34 5.39
CA LYS A 11 -5.12 1.02 5.96
C LYS A 11 -5.69 0.14 4.85
N GLN A 12 -6.47 0.72 3.96
CA GLN A 12 -7.06 -0.06 2.85
C GLN A 12 -5.96 -0.38 1.83
N CYS A 13 -4.79 0.16 2.02
CA CYS A 13 -3.67 -0.09 1.07
C CYS A 13 -2.86 -1.29 1.54
N LEU A 14 -2.94 -1.62 2.79
CA LEU A 14 -2.17 -2.77 3.33
C LEU A 14 -2.62 -4.11 2.73
N PRO A 15 -3.91 -4.33 2.63
CA PRO A 15 -4.44 -5.59 2.10
C PRO A 15 -3.89 -5.87 0.70
N PRO A 16 -4.04 -4.92 -0.19
CA PRO A 16 -3.54 -5.07 -1.57
C PRO A 16 -2.01 -5.17 -1.55
N CYS A 17 -1.38 -4.31 -0.80
CA CYS A 17 0.11 -4.33 -0.70
C CYS A 17 0.55 -5.57 0.08
N LYS A 18 -0.37 -6.25 0.71
CA LYS A 18 0.00 -7.45 1.50
C LYS A 18 -0.10 -8.70 0.61
N ALA A 19 -0.67 -8.55 -0.56
CA ALA A 19 -0.78 -9.72 -1.47
C ALA A 19 0.31 -9.65 -2.53
N GLN A 20 1.20 -8.70 -2.43
CA GLN A 20 2.30 -8.58 -3.42
C GLN A 20 3.61 -9.07 -2.81
N PHE A 21 4.07 -8.44 -1.76
CA PHE A 21 5.34 -8.88 -1.13
C PHE A 21 5.02 -10.02 -0.14
N GLY A 22 4.10 -9.79 0.74
CA GLY A 22 3.72 -10.83 1.74
C GLY A 22 2.84 -10.20 2.80
N GLN A 23 2.81 -10.76 3.98
CA GLN A 23 1.97 -10.17 5.06
C GLN A 23 2.79 -9.16 5.86
N SER A 24 3.98 -8.86 5.41
CA SER A 24 4.83 -7.89 6.15
C SER A 24 4.97 -6.60 5.34
N ALA A 25 4.62 -6.62 4.08
CA ALA A 25 4.74 -5.40 3.25
C ALA A 25 4.17 -4.20 4.00
N GLY A 26 4.93 -3.15 4.13
CA GLY A 26 4.43 -1.94 4.85
C GLY A 26 4.09 -0.87 3.82
N ALA A 27 2.86 -0.43 3.78
CA ALA A 27 2.49 0.61 2.78
C ALA A 27 1.69 1.72 3.45
N LYS A 28 1.34 2.74 2.72
CA LYS A 28 0.58 3.88 3.30
C LYS A 28 -0.30 4.51 2.22
N CYS A 29 -0.84 5.68 2.46
CA CYS A 29 -1.70 6.33 1.44
C CYS A 29 -1.62 7.86 1.59
N MET A 30 -0.88 8.50 0.73
CA MET A 30 -0.74 9.99 0.82
C MET A 30 -1.91 10.67 0.11
N ASN A 31 -1.68 11.18 -1.06
CA ASN A 31 -2.75 11.88 -1.80
C ASN A 31 -3.64 10.87 -2.52
N GLY A 32 -4.37 10.08 -1.78
CA GLY A 32 -5.27 9.07 -2.41
C GLY A 32 -4.46 8.10 -3.26
N LYS A 33 -3.37 7.59 -2.75
CA LYS A 33 -2.56 6.62 -3.52
C LYS A 33 -1.79 5.75 -2.54
N CYS A 34 -1.73 4.47 -2.75
CA CYS A 34 -1.00 3.59 -1.80
C CYS A 34 0.48 3.54 -2.14
N LYS A 35 1.29 3.36 -1.14
CA LYS A 35 2.76 3.29 -1.35
C LYS A 35 3.26 1.98 -0.78
N CYS A 36 3.92 1.19 -1.57
CA CYS A 36 4.41 -0.12 -1.06
C CYS A 36 5.92 -0.06 -0.77
N TYR A 37 6.28 -0.37 0.44
CA TYR A 37 7.71 -0.36 0.84
C TYR A 37 8.11 -1.78 1.27
N PRO A 38 8.83 -2.46 0.43
CA PRO A 38 9.27 -3.84 0.73
C PRO A 38 10.11 -3.85 2.00
N HIS A 39 10.07 -4.93 2.74
CA HIS A 39 10.85 -5.01 4.00
C HIS A 39 12.28 -5.45 3.69
N THR A 1 5.38 7.42 -5.87
CA THR A 1 4.75 6.25 -5.21
C THR A 1 5.24 4.97 -5.89
N ILE A 2 4.99 3.83 -5.28
CA ILE A 2 5.44 2.55 -5.90
C ILE A 2 4.24 1.83 -6.53
N ILE A 3 3.08 1.97 -5.95
CA ILE A 3 1.89 1.30 -6.53
C ILE A 3 1.07 2.35 -7.30
N ASN A 4 0.30 1.91 -8.25
CA ASN A 4 -0.52 2.86 -9.05
C ASN A 4 -2.00 2.66 -8.72
N VAL A 5 -2.39 2.94 -7.51
CA VAL A 5 -3.82 2.77 -7.12
C VAL A 5 -4.22 3.91 -6.18
N LYS A 6 -5.48 4.28 -6.19
CA LYS A 6 -5.92 5.37 -5.30
C LYS A 6 -6.37 4.78 -3.96
N CYS A 7 -6.48 5.59 -2.95
CA CYS A 7 -6.90 5.06 -1.62
C CYS A 7 -7.52 6.17 -0.77
N THR A 8 -8.25 5.79 0.23
CA THR A 8 -8.85 6.79 1.15
C THR A 8 -8.15 6.66 2.50
N SER A 9 -7.28 5.69 2.63
CA SER A 9 -6.54 5.50 3.90
C SER A 9 -5.38 4.54 3.65
N PRO A 10 -4.25 4.81 4.27
CA PRO A 10 -3.06 3.97 4.12
C PRO A 10 -3.34 2.56 4.63
N LYS A 11 -4.43 2.37 5.32
CA LYS A 11 -4.76 1.02 5.85
C LYS A 11 -5.33 0.16 4.71
N GLN A 12 -6.12 0.74 3.85
CA GLN A 12 -6.70 -0.05 2.73
C GLN A 12 -5.60 -0.33 1.69
N CYS A 13 -4.43 0.21 1.89
CA CYS A 13 -3.33 -0.01 0.92
C CYS A 13 -2.49 -1.22 1.36
N LEU A 14 -2.47 -1.52 2.62
CA LEU A 14 -1.69 -2.66 3.12
C LEU A 14 -2.24 -4.00 2.61
N PRO A 15 -3.54 -4.18 2.65
CA PRO A 15 -4.17 -5.44 2.21
C PRO A 15 -3.77 -5.77 0.76
N PRO A 16 -3.98 -4.83 -0.13
CA PRO A 16 -3.63 -5.02 -1.55
C PRO A 16 -2.12 -5.23 -1.68
N CYS A 17 -1.35 -4.41 -1.03
CA CYS A 17 0.13 -4.56 -1.10
C CYS A 17 0.56 -5.83 -0.39
N LYS A 18 -0.31 -6.40 0.39
CA LYS A 18 0.03 -7.65 1.13
C LYS A 18 -0.12 -8.84 0.19
N ALA A 19 -0.70 -8.62 -0.96
CA ALA A 19 -0.88 -9.73 -1.94
C ALA A 19 0.31 -9.75 -2.91
N GLN A 20 1.36 -9.05 -2.59
CA GLN A 20 2.55 -9.03 -3.49
C GLN A 20 3.80 -9.41 -2.70
N PHE A 21 4.10 -8.70 -1.65
CA PHE A 21 5.31 -9.03 -0.84
C PHE A 21 4.94 -10.12 0.16
N GLY A 22 4.11 -9.78 1.09
CA GLY A 22 3.69 -10.75 2.13
C GLY A 22 2.94 -9.99 3.22
N GLN A 23 2.65 -10.62 4.33
CA GLN A 23 1.93 -9.90 5.41
C GLN A 23 2.83 -8.85 6.04
N SER A 24 4.07 -8.79 5.62
CA SER A 24 5.01 -7.79 6.19
C SER A 24 5.02 -6.55 5.31
N ALA A 25 4.39 -6.61 4.16
CA ALA A 25 4.39 -5.42 3.25
C ALA A 25 3.80 -4.21 3.96
N GLY A 26 4.54 -3.14 4.06
CA GLY A 26 4.02 -1.92 4.74
C GLY A 26 3.74 -0.85 3.69
N ALA A 27 2.53 -0.39 3.59
CA ALA A 27 2.21 0.64 2.57
C ALA A 27 1.41 1.78 3.21
N LYS A 28 1.44 2.94 2.63
CA LYS A 28 0.69 4.10 3.19
C LYS A 28 -0.23 4.69 2.13
N CYS A 29 -0.78 5.85 2.38
CA CYS A 29 -1.68 6.48 1.37
C CYS A 29 -1.64 8.00 1.50
N MET A 30 -1.25 8.68 0.46
CA MET A 30 -1.18 10.16 0.51
C MET A 30 -2.56 10.75 0.19
N ASN A 31 -2.61 11.85 -0.50
CA ASN A 31 -3.93 12.46 -0.83
C ASN A 31 -4.90 11.37 -1.27
N GLY A 32 -4.39 10.30 -1.79
CA GLY A 32 -5.27 9.19 -2.25
C GLY A 32 -4.50 8.25 -3.17
N LYS A 33 -3.39 7.74 -2.70
CA LYS A 33 -2.61 6.79 -3.54
C LYS A 33 -1.83 5.86 -2.62
N CYS A 34 -1.77 4.61 -2.92
CA CYS A 34 -1.04 3.67 -2.02
C CYS A 34 0.44 3.66 -2.35
N LYS A 35 1.23 3.28 -1.39
CA LYS A 35 2.70 3.22 -1.58
C LYS A 35 3.21 1.92 -0.97
N CYS A 36 3.93 1.16 -1.72
CA CYS A 36 4.43 -0.15 -1.20
C CYS A 36 5.89 -0.04 -0.77
N TYR A 37 6.15 -0.39 0.47
CA TYR A 37 7.53 -0.36 0.99
C TYR A 37 7.88 -1.73 1.57
N PRO A 38 8.54 -2.54 0.77
CA PRO A 38 8.93 -3.90 1.18
C PRO A 38 9.85 -3.83 2.41
N HIS A 39 9.78 -4.81 3.26
CA HIS A 39 10.64 -4.80 4.48
C HIS A 39 11.96 -5.52 4.17
N THR A 1 8.99 3.35 -2.80
CA THR A 1 8.25 2.82 -3.99
C THR A 1 6.77 3.24 -3.89
N ILE A 2 6.05 3.16 -4.97
CA ILE A 2 4.61 3.54 -4.95
C ILE A 2 3.85 2.70 -5.96
N ILE A 3 2.61 2.39 -5.67
CA ILE A 3 1.81 1.58 -6.60
C ILE A 3 0.90 2.49 -7.41
N ASN A 4 0.41 2.03 -8.53
CA ASN A 4 -0.50 2.86 -9.37
C ASN A 4 -1.94 2.63 -8.94
N VAL A 5 -2.28 2.97 -7.72
CA VAL A 5 -3.67 2.75 -7.25
C VAL A 5 -4.08 3.90 -6.32
N LYS A 6 -5.35 4.21 -6.26
CA LYS A 6 -5.81 5.31 -5.39
C LYS A 6 -6.26 4.74 -4.04
N CYS A 7 -6.46 5.57 -3.05
CA CYS A 7 -6.89 5.06 -1.73
C CYS A 7 -7.60 6.15 -0.94
N THR A 8 -8.36 5.76 0.04
CA THR A 8 -9.04 6.75 0.91
C THR A 8 -8.41 6.63 2.30
N SER A 9 -7.59 5.63 2.48
CA SER A 9 -6.90 5.43 3.79
C SER A 9 -5.78 4.41 3.59
N PRO A 10 -4.64 4.66 4.18
CA PRO A 10 -3.49 3.76 4.06
C PRO A 10 -3.86 2.38 4.60
N LYS A 11 -4.94 2.28 5.32
CA LYS A 11 -5.35 0.96 5.87
C LYS A 11 -5.84 0.07 4.72
N GLN A 12 -6.60 0.62 3.81
CA GLN A 12 -7.11 -0.19 2.67
C GLN A 12 -5.96 -0.45 1.69
N CYS A 13 -4.81 0.12 1.94
CA CYS A 13 -3.66 -0.09 1.02
C CYS A 13 -2.83 -1.28 1.50
N LEU A 14 -2.91 -1.60 2.75
CA LEU A 14 -2.14 -2.73 3.29
C LEU A 14 -2.59 -4.09 2.72
N PRO A 15 -3.89 -4.31 2.66
CA PRO A 15 -4.42 -5.58 2.15
C PRO A 15 -3.89 -5.88 0.74
N PRO A 16 -4.06 -4.95 -0.16
CA PRO A 16 -3.58 -5.11 -1.54
C PRO A 16 -2.05 -5.21 -1.54
N CYS A 17 -1.42 -4.34 -0.82
CA CYS A 17 0.07 -4.34 -0.75
C CYS A 17 0.55 -5.56 0.05
N LYS A 18 -0.36 -6.24 0.69
CA LYS A 18 0.04 -7.43 1.49
C LYS A 18 -0.06 -8.69 0.62
N ALA A 19 -0.64 -8.57 -0.55
CA ALA A 19 -0.75 -9.74 -1.45
C ALA A 19 0.39 -9.72 -2.47
N GLN A 20 1.16 -8.66 -2.49
CA GLN A 20 2.29 -8.57 -3.45
C GLN A 20 3.57 -9.08 -2.80
N PHE A 21 4.02 -8.45 -1.75
CA PHE A 21 5.27 -8.90 -1.08
C PHE A 21 4.93 -10.02 -0.10
N GLY A 22 4.19 -9.68 0.93
CA GLY A 22 3.79 -10.70 1.94
C GLY A 22 2.94 -10.03 3.01
N GLN A 23 2.89 -10.58 4.19
CA GLN A 23 2.07 -9.95 5.26
C GLN A 23 2.91 -8.92 6.02
N SER A 24 4.10 -8.66 5.56
CA SER A 24 4.98 -7.67 6.25
C SER A 24 5.10 -6.41 5.39
N ALA A 25 4.71 -6.47 4.15
CA ALA A 25 4.82 -5.28 3.26
C ALA A 25 4.32 -4.04 4.02
N GLY A 26 5.14 -3.03 4.13
CA GLY A 26 4.69 -1.79 4.84
C GLY A 26 4.23 -0.77 3.80
N ALA A 27 2.98 -0.40 3.83
CA ALA A 27 2.49 0.58 2.82
C ALA A 27 1.66 1.68 3.51
N LYS A 28 1.30 2.69 2.77
CA LYS A 28 0.50 3.82 3.35
C LYS A 28 -0.32 4.48 2.25
N CYS A 29 -0.88 5.64 2.51
CA CYS A 29 -1.68 6.33 1.47
C CYS A 29 -1.62 7.84 1.69
N MET A 30 -1.15 8.57 0.70
CA MET A 30 -1.04 10.04 0.83
C MET A 30 -2.23 10.73 0.16
N ASN A 31 -1.98 11.77 -0.59
CA ASN A 31 -3.10 12.51 -1.26
C ASN A 31 -4.20 11.56 -1.71
N GLY A 32 -3.85 10.35 -2.04
CA GLY A 32 -4.88 9.37 -2.47
C GLY A 32 -4.25 8.26 -3.29
N LYS A 33 -3.18 7.66 -2.81
CA LYS A 33 -2.56 6.54 -3.56
C LYS A 33 -1.83 5.66 -2.55
N CYS A 34 -1.72 4.39 -2.81
CA CYS A 34 -1.03 3.50 -1.84
C CYS A 34 0.46 3.50 -2.11
N LYS A 35 1.23 3.25 -1.09
CA LYS A 35 2.70 3.22 -1.22
C LYS A 35 3.20 1.87 -0.75
N CYS A 36 3.87 1.14 -1.58
CA CYS A 36 4.37 -0.20 -1.15
C CYS A 36 5.86 -0.16 -0.86
N TYR A 37 6.23 -0.45 0.35
CA TYR A 37 7.66 -0.47 0.75
C TYR A 37 8.09 -1.91 1.01
N PRO A 38 8.63 -2.53 -0.01
CA PRO A 38 9.08 -3.94 0.08
C PRO A 38 10.18 -4.07 1.14
N HIS A 39 10.31 -5.22 1.74
CA HIS A 39 11.36 -5.41 2.77
C HIS A 39 12.52 -6.23 2.18
N THR A 1 5.13 8.15 -5.75
CA THR A 1 4.14 7.05 -5.62
C THR A 1 4.79 5.72 -6.02
N ILE A 2 4.64 4.71 -5.22
CA ILE A 2 5.26 3.40 -5.57
C ILE A 2 4.21 2.50 -6.23
N ILE A 3 3.01 2.49 -5.72
CA ILE A 3 1.95 1.64 -6.33
C ILE A 3 1.05 2.52 -7.20
N ASN A 4 0.41 1.94 -8.19
CA ASN A 4 -0.48 2.74 -9.07
C ASN A 4 -1.94 2.47 -8.69
N VAL A 5 -2.39 3.07 -7.62
CA VAL A 5 -3.81 2.84 -7.19
C VAL A 5 -4.27 3.99 -6.31
N LYS A 6 -5.52 4.36 -6.41
CA LYS A 6 -6.04 5.47 -5.57
C LYS A 6 -6.45 4.93 -4.20
N CYS A 7 -6.61 5.78 -3.22
CA CYS A 7 -6.99 5.29 -1.87
C CYS A 7 -7.69 6.36 -1.05
N THR A 8 -8.40 5.95 -0.06
CA THR A 8 -9.06 6.91 0.86
C THR A 8 -8.37 6.81 2.21
N SER A 9 -7.56 5.79 2.38
CA SER A 9 -6.82 5.59 3.65
C SER A 9 -5.77 4.49 3.43
N PRO A 10 -4.60 4.69 3.97
CA PRO A 10 -3.51 3.71 3.84
C PRO A 10 -3.95 2.36 4.41
N LYS A 11 -5.03 2.35 5.16
CA LYS A 11 -5.52 1.07 5.72
C LYS A 11 -5.95 0.14 4.58
N GLN A 12 -6.70 0.66 3.64
CA GLN A 12 -7.14 -0.17 2.49
C GLN A 12 -5.95 -0.42 1.57
N CYS A 13 -4.83 0.19 1.86
CA CYS A 13 -3.63 0.00 0.99
C CYS A 13 -2.83 -1.20 1.49
N LEU A 14 -2.92 -1.51 2.74
CA LEU A 14 -2.17 -2.65 3.30
C LEU A 14 -2.63 -4.00 2.73
N PRO A 15 -3.93 -4.21 2.64
CA PRO A 15 -4.46 -5.48 2.12
C PRO A 15 -3.89 -5.79 0.73
N PRO A 16 -4.03 -4.84 -0.17
CA PRO A 16 -3.52 -5.01 -1.54
C PRO A 16 -1.99 -5.13 -1.52
N CYS A 17 -1.36 -4.29 -0.74
CA CYS A 17 0.13 -4.32 -0.65
C CYS A 17 0.59 -5.55 0.14
N LYS A 18 -0.33 -6.24 0.77
CA LYS A 18 0.07 -7.44 1.56
C LYS A 18 -0.14 -8.69 0.72
N ALA A 19 -0.78 -8.57 -0.40
CA ALA A 19 -1.00 -9.76 -1.28
C ALA A 19 0.06 -9.78 -2.38
N GLN A 20 1.04 -8.93 -2.30
CA GLN A 20 2.10 -8.91 -3.35
C GLN A 20 3.44 -9.33 -2.74
N PHE A 21 3.89 -8.63 -1.72
CA PHE A 21 5.18 -9.00 -1.08
C PHE A 21 4.91 -10.08 -0.04
N GLY A 22 4.13 -9.75 0.95
CA GLY A 22 3.81 -10.73 2.02
C GLY A 22 3.01 -10.01 3.12
N GLN A 23 2.97 -10.55 4.30
CA GLN A 23 2.20 -9.86 5.38
C GLN A 23 3.11 -8.84 6.08
N SER A 24 4.30 -8.65 5.59
CA SER A 24 5.22 -7.69 6.22
C SER A 24 5.37 -6.44 5.34
N ALA A 25 4.94 -6.51 4.11
CA ALA A 25 5.06 -5.32 3.22
C ALA A 25 4.47 -4.09 3.91
N GLY A 26 5.26 -3.08 4.13
CA GLY A 26 4.73 -1.86 4.79
C GLY A 26 4.25 -0.89 3.72
N ALA A 27 2.97 -0.58 3.72
CA ALA A 27 2.46 0.36 2.68
C ALA A 27 1.70 1.52 3.32
N LYS A 28 1.48 2.57 2.58
CA LYS A 28 0.74 3.75 3.13
C LYS A 28 0.06 4.50 1.98
N CYS A 29 -0.66 5.54 2.28
CA CYS A 29 -1.34 6.31 1.21
C CYS A 29 -1.47 7.77 1.60
N MET A 30 -1.00 8.64 0.76
CA MET A 30 -1.14 10.09 1.02
C MET A 30 -2.45 10.50 0.35
N ASN A 31 -3.51 10.59 1.12
CA ASN A 31 -4.87 10.93 0.58
C ASN A 31 -4.86 11.01 -0.95
N GLY A 32 -4.62 9.91 -1.61
CA GLY A 32 -4.59 9.93 -3.10
C GLY A 32 -4.14 8.57 -3.66
N LYS A 33 -3.09 7.99 -3.15
CA LYS A 33 -2.64 6.67 -3.70
C LYS A 33 -1.88 5.90 -2.62
N CYS A 34 -1.74 4.62 -2.79
CA CYS A 34 -1.03 3.81 -1.77
C CYS A 34 0.46 3.78 -2.05
N LYS A 35 1.20 3.10 -1.22
CA LYS A 35 2.68 3.01 -1.42
C LYS A 35 3.15 1.67 -0.86
N CYS A 36 4.07 1.03 -1.51
CA CYS A 36 4.56 -0.27 -1.00
C CYS A 36 6.06 -0.23 -0.71
N TYR A 37 6.45 -0.67 0.46
CA TYR A 37 7.88 -0.67 0.84
C TYR A 37 8.31 -2.11 1.16
N PRO A 38 8.88 -2.77 0.18
CA PRO A 38 9.35 -4.15 0.34
C PRO A 38 10.42 -4.23 1.43
N HIS A 39 10.50 -5.33 2.12
CA HIS A 39 11.53 -5.47 3.18
C HIS A 39 12.10 -6.89 3.17
N THR A 1 2.71 7.23 -7.06
CA THR A 1 3.35 6.49 -5.92
C THR A 1 3.94 5.18 -6.43
N ILE A 2 4.31 4.29 -5.54
CA ILE A 2 4.89 3.00 -5.97
C ILE A 2 3.79 2.10 -6.55
N ILE A 3 2.62 2.16 -5.98
CA ILE A 3 1.50 1.31 -6.48
C ILE A 3 0.57 2.18 -7.34
N ASN A 4 -0.14 1.58 -8.25
CA ASN A 4 -1.06 2.36 -9.12
C ASN A 4 -2.50 2.12 -8.66
N VAL A 5 -2.92 2.76 -7.60
CA VAL A 5 -4.30 2.57 -7.11
C VAL A 5 -4.72 3.76 -6.24
N LYS A 6 -5.98 4.10 -6.24
CA LYS A 6 -6.45 5.24 -5.42
C LYS A 6 -6.72 4.77 -4.00
N CYS A 7 -6.77 5.66 -3.04
CA CYS A 7 -7.00 5.24 -1.64
C CYS A 7 -7.61 6.38 -0.82
N THR A 8 -8.28 6.03 0.22
CA THR A 8 -8.85 7.05 1.13
C THR A 8 -8.14 6.90 2.48
N SER A 9 -7.35 5.87 2.62
CA SER A 9 -6.61 5.64 3.89
C SER A 9 -5.55 4.55 3.65
N PRO A 10 -4.39 4.74 4.19
CA PRO A 10 -3.30 3.76 4.04
C PRO A 10 -3.71 2.42 4.65
N LYS A 11 -4.77 2.41 5.41
CA LYS A 11 -5.24 1.14 6.01
C LYS A 11 -5.74 0.22 4.89
N GLN A 12 -6.51 0.74 3.99
CA GLN A 12 -7.02 -0.08 2.86
C GLN A 12 -5.89 -0.35 1.87
N CYS A 13 -4.75 0.23 2.10
CA CYS A 13 -3.60 0.03 1.17
C CYS A 13 -2.80 -1.19 1.57
N LEU A 14 -2.84 -1.57 2.81
CA LEU A 14 -2.07 -2.73 3.28
C LEU A 14 -2.40 -4.01 2.48
N PRO A 15 -3.67 -4.29 2.30
CA PRO A 15 -4.11 -5.51 1.59
C PRO A 15 -3.53 -5.58 0.18
N PRO A 16 -3.76 -4.56 -0.61
CA PRO A 16 -3.26 -4.53 -2.00
C PRO A 16 -1.74 -4.56 -2.00
N CYS A 17 -1.13 -3.71 -1.23
CA CYS A 17 0.35 -3.67 -1.15
C CYS A 17 0.85 -4.92 -0.44
N LYS A 18 -0.03 -5.66 0.18
CA LYS A 18 0.38 -6.91 0.90
C LYS A 18 0.21 -8.11 -0.02
N ALA A 19 -0.43 -7.93 -1.15
CA ALA A 19 -0.63 -9.07 -2.09
C ALA A 19 0.62 -9.22 -2.96
N GLN A 20 1.68 -8.56 -2.63
CA GLN A 20 2.92 -8.67 -3.45
C GLN A 20 4.06 -9.22 -2.59
N PHE A 21 4.37 -8.58 -1.51
CA PHE A 21 5.48 -9.07 -0.63
C PHE A 21 4.92 -10.12 0.32
N GLY A 22 4.05 -9.70 1.21
CA GLY A 22 3.44 -10.64 2.18
C GLY A 22 2.75 -9.82 3.27
N GLN A 23 2.29 -10.45 4.31
CA GLN A 23 1.60 -9.69 5.38
C GLN A 23 2.62 -8.84 6.14
N SER A 24 3.88 -8.98 5.81
CA SER A 24 4.92 -8.17 6.52
C SER A 24 5.18 -6.87 5.74
N ALA A 25 4.85 -6.84 4.48
CA ALA A 25 5.09 -5.60 3.68
C ALA A 25 4.27 -4.46 4.26
N GLY A 26 4.87 -3.31 4.43
CA GLY A 26 4.13 -2.15 4.99
C GLY A 26 3.84 -1.15 3.87
N ALA A 27 2.61 -0.72 3.73
CA ALA A 27 2.30 0.25 2.63
C ALA A 27 1.43 1.39 3.19
N LYS A 28 1.59 2.57 2.66
CA LYS A 28 0.78 3.73 3.15
C LYS A 28 0.14 4.44 1.96
N CYS A 29 -0.55 5.53 2.22
CA CYS A 29 -1.21 6.27 1.11
C CYS A 29 -1.29 7.76 1.43
N MET A 30 -0.75 8.57 0.57
CA MET A 30 -0.85 10.03 0.78
C MET A 30 -2.17 10.46 0.16
N ASN A 31 -3.19 10.64 0.97
CA ASN A 31 -4.57 11.00 0.48
C ASN A 31 -4.62 11.01 -1.06
N GLY A 32 -4.46 9.87 -1.69
CA GLY A 32 -4.50 9.83 -3.16
C GLY A 32 -4.07 8.45 -3.71
N LYS A 33 -3.01 7.88 -3.19
CA LYS A 33 -2.57 6.55 -3.72
C LYS A 33 -1.80 5.79 -2.64
N CYS A 34 -1.71 4.50 -2.78
CA CYS A 34 -1.00 3.69 -1.75
C CYS A 34 0.49 3.63 -2.07
N LYS A 35 1.25 2.95 -1.25
CA LYS A 35 2.71 2.84 -1.48
C LYS A 35 3.22 1.53 -0.91
N CYS A 36 3.93 0.76 -1.69
CA CYS A 36 4.46 -0.54 -1.18
C CYS A 36 5.89 -0.36 -0.67
N TYR A 37 6.11 -0.64 0.59
CA TYR A 37 7.48 -0.53 1.15
C TYR A 37 7.97 -1.92 1.57
N PRO A 38 8.68 -2.56 0.68
CA PRO A 38 9.21 -3.91 0.94
C PRO A 38 10.17 -3.89 2.13
N HIS A 39 10.13 -4.89 2.96
CA HIS A 39 11.04 -4.91 4.14
C HIS A 39 11.62 -6.33 4.32
N THR A 1 6.08 7.14 -5.48
CA THR A 1 4.94 6.19 -5.47
C THR A 1 5.40 4.83 -5.99
N ILE A 2 5.12 3.77 -5.27
CA ILE A 2 5.54 2.42 -5.73
C ILE A 2 4.37 1.71 -6.40
N ILE A 3 3.19 1.83 -5.84
CA ILE A 3 2.01 1.16 -6.44
C ILE A 3 1.18 2.21 -7.20
N ASN A 4 0.43 1.79 -8.18
CA ASN A 4 -0.41 2.76 -8.95
C ASN A 4 -1.88 2.53 -8.62
N VAL A 5 -2.29 2.84 -7.42
CA VAL A 5 -3.71 2.63 -7.03
C VAL A 5 -4.17 3.76 -6.12
N LYS A 6 -5.41 4.14 -6.20
CA LYS A 6 -5.92 5.24 -5.35
C LYS A 6 -6.38 4.67 -4.01
N CYS A 7 -6.48 5.50 -3.00
CA CYS A 7 -6.90 5.00 -1.65
C CYS A 7 -7.50 6.12 -0.83
N THR A 8 -8.47 5.81 -0.03
CA THR A 8 -9.07 6.84 0.85
C THR A 8 -8.40 6.74 2.22
N SER A 9 -7.57 5.74 2.39
CA SER A 9 -6.86 5.56 3.69
C SER A 9 -5.73 4.55 3.51
N PRO A 10 -4.61 4.80 4.13
CA PRO A 10 -3.45 3.91 4.04
C PRO A 10 -3.79 2.54 4.62
N LYS A 11 -4.91 2.42 5.28
CA LYS A 11 -5.31 1.11 5.87
C LYS A 11 -5.77 0.18 4.75
N GLN A 12 -6.52 0.69 3.81
CA GLN A 12 -6.99 -0.17 2.68
C GLN A 12 -5.84 -0.44 1.72
N CYS A 13 -4.70 0.16 1.96
CA CYS A 13 -3.54 -0.05 1.05
C CYS A 13 -2.72 -1.25 1.52
N LEU A 14 -2.86 -1.63 2.75
CA LEU A 14 -2.11 -2.79 3.28
C LEU A 14 -2.61 -4.12 2.70
N PRO A 15 -3.91 -4.30 2.65
CA PRO A 15 -4.49 -5.56 2.14
C PRO A 15 -3.98 -5.85 0.72
N PRO A 16 -4.10 -4.89 -0.15
CA PRO A 16 -3.63 -5.03 -1.54
C PRO A 16 -2.11 -5.12 -1.56
N CYS A 17 -1.48 -4.26 -0.79
CA CYS A 17 0.02 -4.26 -0.73
C CYS A 17 0.51 -5.48 0.04
N LYS A 18 -0.38 -6.23 0.63
CA LYS A 18 0.04 -7.43 1.41
C LYS A 18 -0.10 -8.67 0.53
N ALA A 19 -0.72 -8.54 -0.61
CA ALA A 19 -0.88 -9.72 -1.51
C ALA A 19 0.18 -9.67 -2.62
N GLN A 20 1.09 -8.74 -2.54
CA GLN A 20 2.14 -8.64 -3.59
C GLN A 20 3.48 -9.08 -3.01
N PHE A 21 3.90 -8.47 -1.93
CA PHE A 21 5.19 -8.85 -1.31
C PHE A 21 4.93 -9.97 -0.30
N GLY A 22 4.20 -9.67 0.73
CA GLY A 22 3.88 -10.68 1.76
C GLY A 22 3.01 -10.04 2.83
N GLN A 23 3.00 -10.56 4.02
CA GLN A 23 2.18 -9.96 5.10
C GLN A 23 3.01 -8.91 5.85
N SER A 24 4.20 -8.65 5.40
CA SER A 24 5.05 -7.65 6.09
C SER A 24 5.14 -6.37 5.26
N ALA A 25 4.78 -6.44 4.01
CA ALA A 25 4.84 -5.21 3.16
C ALA A 25 4.19 -4.04 3.89
N GLY A 26 4.95 -2.99 4.16
CA GLY A 26 4.36 -1.83 4.87
C GLY A 26 4.01 -0.74 3.84
N ALA A 27 2.79 -0.31 3.82
CA ALA A 27 2.40 0.74 2.82
C ALA A 27 1.55 1.83 3.48
N LYS A 28 1.37 2.93 2.80
CA LYS A 28 0.56 4.05 3.36
C LYS A 28 -0.30 4.65 2.24
N CYS A 29 -0.88 5.80 2.47
CA CYS A 29 -1.73 6.44 1.42
C CYS A 29 -1.67 7.96 1.56
N MET A 30 -1.16 8.63 0.56
CA MET A 30 -1.06 10.11 0.61
C MET A 30 -2.39 10.73 0.16
N ASN A 31 -2.35 11.81 -0.58
CA ASN A 31 -3.61 12.45 -1.05
C ASN A 31 -4.61 11.39 -1.48
N GLY A 32 -4.14 10.26 -1.91
CA GLY A 32 -5.06 9.18 -2.34
C GLY A 32 -4.32 8.15 -3.19
N LYS A 33 -3.23 7.63 -2.72
CA LYS A 33 -2.49 6.60 -3.50
C LYS A 33 -1.73 5.72 -2.51
N CYS A 34 -1.67 4.45 -2.75
CA CYS A 34 -0.95 3.56 -1.80
C CYS A 34 0.53 3.54 -2.12
N LYS A 35 1.33 3.32 -1.12
CA LYS A 35 2.80 3.28 -1.31
C LYS A 35 3.31 1.97 -0.71
N CYS A 36 3.90 1.15 -1.53
CA CYS A 36 4.40 -0.16 -1.00
C CYS A 36 5.90 -0.08 -0.68
N TYR A 37 6.24 -0.42 0.53
CA TYR A 37 7.66 -0.39 0.95
C TYR A 37 8.10 -1.82 1.30
N PRO A 38 8.78 -2.46 0.36
CA PRO A 38 9.27 -3.82 0.55
C PRO A 38 10.24 -3.88 1.74
N HIS A 39 9.79 -4.41 2.85
CA HIS A 39 10.68 -4.48 4.04
C HIS A 39 11.02 -5.94 4.33
N THR A 1 9.02 0.98 -2.75
CA THR A 1 8.27 0.79 -4.04
C THR A 1 7.10 1.78 -4.09
N ILE A 2 6.29 1.70 -5.11
CA ILE A 2 5.14 2.64 -5.23
C ILE A 2 4.08 2.02 -6.14
N ILE A 3 2.83 2.31 -5.88
CA ILE A 3 1.76 1.73 -6.73
C ILE A 3 0.99 2.86 -7.42
N ASN A 4 -0.04 2.53 -8.15
CA ASN A 4 -0.83 3.59 -8.85
C ASN A 4 -2.32 3.36 -8.60
N VAL A 5 -2.69 2.99 -7.40
CA VAL A 5 -4.14 2.76 -7.11
C VAL A 5 -4.66 3.90 -6.24
N LYS A 6 -5.95 4.14 -6.27
CA LYS A 6 -6.53 5.24 -5.45
C LYS A 6 -6.80 4.74 -4.03
N CYS A 7 -6.88 5.63 -3.08
CA CYS A 7 -7.12 5.20 -1.67
C CYS A 7 -7.75 6.31 -0.85
N THR A 8 -8.43 5.94 0.19
CA THR A 8 -9.03 6.94 1.10
C THR A 8 -8.28 6.84 2.43
N SER A 9 -7.49 5.81 2.58
CA SER A 9 -6.71 5.61 3.83
C SER A 9 -5.66 4.52 3.58
N PRO A 10 -4.47 4.72 4.07
CA PRO A 10 -3.39 3.75 3.90
C PRO A 10 -3.79 2.40 4.51
N LYS A 11 -4.83 2.40 5.31
CA LYS A 11 -5.28 1.12 5.92
C LYS A 11 -5.78 0.19 4.81
N GLN A 12 -6.57 0.72 3.91
CA GLN A 12 -7.09 -0.12 2.79
C GLN A 12 -5.95 -0.39 1.82
N CYS A 13 -4.81 0.20 2.03
CA CYS A 13 -3.66 -0.01 1.12
C CYS A 13 -2.83 -1.21 1.57
N LEU A 14 -2.86 -1.53 2.83
CA LEU A 14 -2.06 -2.65 3.34
C LEU A 14 -2.41 -3.98 2.63
N PRO A 15 -3.68 -4.26 2.48
CA PRO A 15 -4.12 -5.52 1.84
C PRO A 15 -3.55 -5.66 0.42
N PRO A 16 -3.81 -4.69 -0.42
CA PRO A 16 -3.31 -4.71 -1.81
C PRO A 16 -1.78 -4.74 -1.83
N CYS A 17 -1.17 -3.85 -1.10
CA CYS A 17 0.30 -3.80 -1.04
C CYS A 17 0.83 -5.03 -0.29
N LYS A 18 -0.05 -5.74 0.37
CA LYS A 18 0.38 -6.95 1.14
C LYS A 18 0.16 -8.20 0.27
N ALA A 19 -0.52 -8.07 -0.83
CA ALA A 19 -0.77 -9.24 -1.71
C ALA A 19 0.39 -9.38 -2.70
N GLN A 20 1.49 -8.74 -2.42
CA GLN A 20 2.67 -8.83 -3.34
C GLN A 20 3.88 -9.34 -2.57
N PHE A 21 4.25 -8.67 -1.50
CA PHE A 21 5.43 -9.12 -0.71
C PHE A 21 4.98 -10.17 0.30
N GLY A 22 4.13 -9.77 1.20
CA GLY A 22 3.62 -10.72 2.24
C GLY A 22 2.92 -9.89 3.32
N GLN A 23 2.53 -10.50 4.40
CA GLN A 23 1.85 -9.73 5.47
C GLN A 23 2.87 -8.83 6.20
N SER A 24 4.11 -8.90 5.81
CA SER A 24 5.14 -8.06 6.47
C SER A 24 5.37 -6.78 5.66
N ALA A 25 5.01 -6.78 4.40
CA ALA A 25 5.21 -5.57 3.57
C ALA A 25 4.41 -4.41 4.16
N GLY A 26 5.02 -3.28 4.37
CA GLY A 26 4.28 -2.12 4.93
C GLY A 26 3.96 -1.14 3.81
N ALA A 27 2.72 -0.73 3.70
CA ALA A 27 2.36 0.21 2.61
C ALA A 27 1.55 1.38 3.19
N LYS A 28 1.50 2.48 2.48
CA LYS A 28 0.74 3.66 3.00
C LYS A 28 0.05 4.38 1.83
N CYS A 29 -0.60 5.48 2.10
CA CYS A 29 -1.28 6.23 1.02
C CYS A 29 -1.33 7.71 1.34
N MET A 30 -0.79 8.51 0.47
CA MET A 30 -0.86 9.97 0.68
C MET A 30 -2.20 10.42 0.10
N ASN A 31 -3.20 10.57 0.94
CA ASN A 31 -4.59 10.94 0.49
C ASN A 31 -4.68 10.99 -1.03
N GLY A 32 -4.53 9.87 -1.68
CA GLY A 32 -4.61 9.85 -3.16
C GLY A 32 -4.21 8.47 -3.73
N LYS A 33 -3.15 7.88 -3.24
CA LYS A 33 -2.74 6.55 -3.78
C LYS A 33 -1.99 5.76 -2.73
N CYS A 34 -1.90 4.47 -2.90
CA CYS A 34 -1.19 3.63 -1.88
C CYS A 34 0.30 3.55 -2.23
N LYS A 35 1.06 2.89 -1.41
CA LYS A 35 2.51 2.77 -1.66
C LYS A 35 3.02 1.46 -1.06
N CYS A 36 3.76 0.72 -1.83
CA CYS A 36 4.30 -0.57 -1.31
C CYS A 36 5.75 -0.38 -0.85
N TYR A 37 6.00 -0.60 0.40
CA TYR A 37 7.39 -0.47 0.93
C TYR A 37 7.87 -1.83 1.42
N PRO A 38 8.49 -2.57 0.54
CA PRO A 38 9.01 -3.91 0.86
C PRO A 38 10.04 -3.82 2.00
N HIS A 39 9.67 -4.24 3.17
CA HIS A 39 10.62 -4.18 4.32
C HIS A 39 11.06 -5.60 4.69
N THR A 1 9.77 0.09 -4.83
CA THR A 1 8.42 -0.40 -5.21
C THR A 1 7.36 0.63 -4.81
N ILE A 2 6.38 0.85 -5.64
CA ILE A 2 5.32 1.83 -5.30
C ILE A 2 4.07 1.51 -6.10
N ILE A 3 2.91 1.77 -5.56
CA ILE A 3 1.66 1.48 -6.28
C ILE A 3 0.96 2.80 -6.66
N ASN A 4 0.25 2.81 -7.76
CA ASN A 4 -0.44 4.07 -8.17
C ASN A 4 -1.96 3.90 -8.05
N VAL A 5 -2.40 3.00 -7.22
CA VAL A 5 -3.87 2.79 -7.05
C VAL A 5 -4.43 3.95 -6.23
N LYS A 6 -5.72 4.20 -6.33
CA LYS A 6 -6.32 5.30 -5.54
C LYS A 6 -6.66 4.79 -4.14
N CYS A 7 -6.80 5.67 -3.19
CA CYS A 7 -7.09 5.21 -1.80
C CYS A 7 -7.78 6.30 -0.98
N THR A 8 -8.43 5.90 0.08
CA THR A 8 -9.06 6.87 0.99
C THR A 8 -8.35 6.74 2.34
N SER A 9 -7.53 5.73 2.47
CA SER A 9 -6.77 5.51 3.74
C SER A 9 -5.70 4.46 3.49
N PRO A 10 -4.53 4.68 4.02
CA PRO A 10 -3.41 3.73 3.84
C PRO A 10 -3.79 2.37 4.42
N LYS A 11 -4.85 2.31 5.19
CA LYS A 11 -5.27 1.01 5.77
C LYS A 11 -5.70 0.08 4.63
N GLN A 12 -6.49 0.58 3.71
CA GLN A 12 -6.93 -0.26 2.57
C GLN A 12 -5.75 -0.47 1.61
N CYS A 13 -4.64 0.16 1.88
CA CYS A 13 -3.46 0.01 1.00
C CYS A 13 -2.63 -1.20 1.41
N LEU A 14 -2.67 -1.56 2.67
CA LEU A 14 -1.88 -2.71 3.14
C LEU A 14 -2.41 -4.05 2.60
N PRO A 15 -3.71 -4.24 2.63
CA PRO A 15 -4.31 -5.50 2.16
C PRO A 15 -3.89 -5.80 0.71
N PRO A 16 -4.11 -4.84 -0.16
CA PRO A 16 -3.73 -5.00 -1.58
C PRO A 16 -2.21 -5.07 -1.69
N CYS A 17 -1.54 -4.21 -0.98
CA CYS A 17 -0.04 -4.17 -1.01
C CYS A 17 0.52 -5.40 -0.31
N LYS A 18 -0.30 -6.15 0.39
CA LYS A 18 0.23 -7.34 1.10
C LYS A 18 0.04 -8.59 0.23
N ALA A 19 -0.68 -8.46 -0.85
CA ALA A 19 -0.89 -9.64 -1.74
C ALA A 19 0.28 -9.77 -2.70
N GLN A 20 1.34 -9.03 -2.47
CA GLN A 20 2.52 -9.12 -3.36
C GLN A 20 3.76 -9.51 -2.55
N PHE A 21 4.09 -8.76 -1.53
CA PHE A 21 5.28 -9.10 -0.70
C PHE A 21 4.87 -10.12 0.35
N GLY A 22 3.99 -9.74 1.22
CA GLY A 22 3.52 -10.64 2.30
C GLY A 22 2.95 -9.79 3.43
N GLN A 23 2.64 -10.38 4.56
CA GLN A 23 2.08 -9.57 5.68
C GLN A 23 3.16 -8.63 6.24
N SER A 24 4.36 -8.75 5.76
CA SER A 24 5.45 -7.87 6.25
C SER A 24 5.57 -6.63 5.35
N ALA A 25 4.88 -6.61 4.24
CA ALA A 25 4.97 -5.43 3.35
C ALA A 25 4.28 -4.23 3.99
N GLY A 26 4.99 -3.15 4.16
CA GLY A 26 4.37 -1.94 4.78
C GLY A 26 4.02 -0.95 3.68
N ALA A 27 2.77 -0.58 3.59
CA ALA A 27 2.37 0.38 2.52
C ALA A 27 1.60 1.55 3.13
N LYS A 28 1.50 2.64 2.42
CA LYS A 28 0.77 3.83 2.96
C LYS A 28 0.07 4.57 1.81
N CYS A 29 -0.64 5.62 2.11
CA CYS A 29 -1.36 6.36 1.06
C CYS A 29 -1.50 7.84 1.44
N MET A 30 -1.03 8.70 0.59
CA MET A 30 -1.18 10.15 0.85
C MET A 30 -2.50 10.56 0.21
N ASN A 31 -3.55 10.68 0.99
CA ASN A 31 -4.92 11.02 0.46
C ASN A 31 -4.92 11.08 -1.07
N GLY A 32 -4.70 9.96 -1.71
CA GLY A 32 -4.69 9.95 -3.19
C GLY A 32 -4.27 8.57 -3.73
N LYS A 33 -3.19 7.99 -3.25
CA LYS A 33 -2.77 6.67 -3.78
C LYS A 33 -1.97 5.92 -2.72
N CYS A 34 -1.83 4.63 -2.87
CA CYS A 34 -1.10 3.82 -1.87
C CYS A 34 0.40 3.78 -2.20
N LYS A 35 1.16 3.11 -1.38
CA LYS A 35 2.63 3.02 -1.61
C LYS A 35 3.12 1.69 -1.04
N CYS A 36 3.91 0.98 -1.79
CA CYS A 36 4.42 -0.33 -1.29
C CYS A 36 5.90 -0.24 -0.95
N TYR A 37 6.23 -0.51 0.30
CA TYR A 37 7.63 -0.46 0.74
C TYR A 37 8.05 -1.85 1.22
N PRO A 38 8.77 -2.56 0.39
CA PRO A 38 9.24 -3.91 0.73
C PRO A 38 10.11 -3.89 1.98
N HIS A 39 9.61 -4.38 3.07
CA HIS A 39 10.39 -4.38 4.33
C HIS A 39 11.30 -5.61 4.37
#